data_457D
# 
_entry.id   457D 
# 
_audit_conform.dict_name       mmcif_pdbx.dic 
_audit_conform.dict_version    5.383 
_audit_conform.dict_location   http://mmcif.pdb.org/dictionaries/ascii/mmcif_pdbx.dic 
# 
loop_
_database_2.database_id 
_database_2.database_code 
_database_2.pdbx_database_accession 
_database_2.pdbx_DOI 
PDB   457D         pdb_0000457d 10.2210/pdb457d/pdb 
NDB   BD0010       ?            ?                   
RCSB  RCSB001332   ?            ?                   
WWPDB D_1000001332 ?            ?                   
# 
loop_
_pdbx_audit_revision_history.ordinal 
_pdbx_audit_revision_history.data_content_type 
_pdbx_audit_revision_history.major_revision 
_pdbx_audit_revision_history.minor_revision 
_pdbx_audit_revision_history.revision_date 
1 'Structure model' 1 0 2000-01-01 
2 'Structure model' 1 1 2008-04-26 
3 'Structure model' 1 2 2011-07-13 
4 'Structure model' 1 3 2023-12-27 
# 
_pdbx_audit_revision_details.ordinal             1 
_pdbx_audit_revision_details.revision_ordinal    1 
_pdbx_audit_revision_details.data_content_type   'Structure model' 
_pdbx_audit_revision_details.provider            repository 
_pdbx_audit_revision_details.type                'Initial release' 
_pdbx_audit_revision_details.description         ? 
_pdbx_audit_revision_details.details             ? 
# 
loop_
_pdbx_audit_revision_group.ordinal 
_pdbx_audit_revision_group.revision_ordinal 
_pdbx_audit_revision_group.data_content_type 
_pdbx_audit_revision_group.group 
1 2 'Structure model' 'Version format compliance' 
2 3 'Structure model' 'Version format compliance' 
3 4 'Structure model' 'Data collection'           
4 4 'Structure model' 'Database references'       
5 4 'Structure model' 'Derived calculations'      
# 
loop_
_pdbx_audit_revision_category.ordinal 
_pdbx_audit_revision_category.revision_ordinal 
_pdbx_audit_revision_category.data_content_type 
_pdbx_audit_revision_category.category 
1 4 'Structure model' chem_comp_atom         
2 4 'Structure model' chem_comp_bond         
3 4 'Structure model' database_2             
4 4 'Structure model' pdbx_struct_conn_angle 
5 4 'Structure model' struct_conn            
6 4 'Structure model' struct_conn_type       
7 4 'Structure model' struct_site            
# 
loop_
_pdbx_audit_revision_item.ordinal 
_pdbx_audit_revision_item.revision_ordinal 
_pdbx_audit_revision_item.data_content_type 
_pdbx_audit_revision_item.item 
1  4 'Structure model' '_database_2.pdbx_DOI'                        
2  4 'Structure model' '_database_2.pdbx_database_accession'         
3  4 'Structure model' '_pdbx_struct_conn_angle.ptnr1_auth_asym_id'  
4  4 'Structure model' '_pdbx_struct_conn_angle.ptnr1_auth_seq_id'   
5  4 'Structure model' '_pdbx_struct_conn_angle.ptnr1_label_asym_id' 
6  4 'Structure model' '_pdbx_struct_conn_angle.ptnr3_auth_asym_id'  
7  4 'Structure model' '_pdbx_struct_conn_angle.ptnr3_auth_seq_id'   
8  4 'Structure model' '_pdbx_struct_conn_angle.ptnr3_label_asym_id' 
9  4 'Structure model' '_pdbx_struct_conn_angle.value'               
10 4 'Structure model' '_struct_conn.conn_type_id'                   
11 4 'Structure model' '_struct_conn.id'                             
12 4 'Structure model' '_struct_conn.pdbx_dist_value'                
13 4 'Structure model' '_struct_conn.pdbx_leaving_atom_flag'         
14 4 'Structure model' '_struct_conn.ptnr1_auth_asym_id'             
15 4 'Structure model' '_struct_conn.ptnr1_auth_comp_id'             
16 4 'Structure model' '_struct_conn.ptnr1_auth_seq_id'              
17 4 'Structure model' '_struct_conn.ptnr1_label_asym_id'            
18 4 'Structure model' '_struct_conn.ptnr1_label_atom_id'            
19 4 'Structure model' '_struct_conn.ptnr1_label_comp_id'            
20 4 'Structure model' '_struct_conn.ptnr1_label_seq_id'             
21 4 'Structure model' '_struct_conn.ptnr2_auth_asym_id'             
22 4 'Structure model' '_struct_conn.ptnr2_auth_comp_id'             
23 4 'Structure model' '_struct_conn.ptnr2_auth_seq_id'              
24 4 'Structure model' '_struct_conn.ptnr2_label_asym_id'            
25 4 'Structure model' '_struct_conn.ptnr2_label_atom_id'            
26 4 'Structure model' '_struct_conn.ptnr2_label_comp_id'            
27 4 'Structure model' '_struct_conn.ptnr2_label_seq_id'             
28 4 'Structure model' '_struct_conn_type.id'                        
29 4 'Structure model' '_struct_site.pdbx_auth_asym_id'              
30 4 'Structure model' '_struct_site.pdbx_auth_comp_id'              
31 4 'Structure model' '_struct_site.pdbx_auth_seq_id'               
# 
_pdbx_database_status.status_code                     REL 
_pdbx_database_status.entry_id                        457D 
_pdbx_database_status.recvd_initial_deposition_date   1999-03-06 
_pdbx_database_status.deposit_site                    NDB 
_pdbx_database_status.process_site                    NDB 
_pdbx_database_status.SG_entry                        . 
_pdbx_database_status.pdb_format_compatible           Y 
_pdbx_database_status.status_code_mr                  ? 
_pdbx_database_status.status_code_sf                  ? 
_pdbx_database_status.status_code_cs                  ? 
_pdbx_database_status.status_code_nmr_data            ? 
_pdbx_database_status.methods_development_category    ? 
# 
loop_
_audit_author.name 
_audit_author.pdbx_ordinal 
'Chatake, T.'  1 
'Ono, A.'      2 
'Ueno, Y.'     3 
'Matsuda, A.'  4 
'Takenaka, A.' 5 
# 
_citation.id                        primary 
_citation.title                     
;Crystallographic studies on damaged DNAs. II. N(6)-methoxyadenine can present two alternate faces for Watson-Crick base-pairing, leading to pyrimidine transition mutagenesis.
;
_citation.journal_abbrev            J.Mol.Biol. 
_citation.journal_volume            294 
_citation.page_first                1223 
_citation.page_last                 1230 
_citation.year                      1999 
_citation.journal_id_ASTM           JMOBAK 
_citation.country                   UK 
_citation.journal_id_ISSN           0022-2836 
_citation.journal_id_CSD            0070 
_citation.book_publisher            ? 
_citation.pdbx_database_id_PubMed   10600380 
_citation.pdbx_database_id_DOI      10.1006/jmbi.1999.3304 
# 
loop_
_citation_author.citation_id 
_citation_author.name 
_citation_author.ordinal 
_citation_author.identifier_ORCID 
primary 'Chatake, T.'  1 ? 
primary 'Hikima, T.'   2 ? 
primary 'Ono, A.'      3 ? 
primary 'Ueno, Y.'     4 ? 
primary 'Matsuda, A.'  5 ? 
primary 'Takenaka, A.' 6 ? 
# 
loop_
_entity.id 
_entity.type 
_entity.src_method 
_entity.pdbx_description 
_entity.formula_weight 
_entity.pdbx_number_of_molecules 
_entity.pdbx_ec 
_entity.pdbx_mutation 
_entity.pdbx_fragment 
_entity.details 
1 polymer     syn 
;DNA (5'-D(*CP*GP*CP*GP*(A47)P*AP*TP*TP*CP*GP*CP*G)-3')
;
3693.418 2  ? ? ? ? 
2 non-polymer syn 'MAGNESIUM ION'                                          24.305   1  ? ? ? ? 
3 water       nat water                                                    18.015   71 ? ? ? ? 
# 
_entity_poly.entity_id                      1 
_entity_poly.type                           polydeoxyribonucleotide 
_entity_poly.nstd_linkage                   no 
_entity_poly.nstd_monomer                   yes 
_entity_poly.pdbx_seq_one_letter_code       '(DC)(DG)(DC)(DG)(A47)(DA)(DT)(DT)(DC)(DG)(DC)(DG)' 
_entity_poly.pdbx_seq_one_letter_code_can   CGCGAATTCGCG 
_entity_poly.pdbx_strand_id                 A,B 
_entity_poly.pdbx_target_identifier         ? 
# 
loop_
_pdbx_entity_nonpoly.entity_id 
_pdbx_entity_nonpoly.name 
_pdbx_entity_nonpoly.comp_id 
2 'MAGNESIUM ION' MG  
3 water           HOH 
# 
loop_
_entity_poly_seq.entity_id 
_entity_poly_seq.num 
_entity_poly_seq.mon_id 
_entity_poly_seq.hetero 
1 1  DC  n 
1 2  DG  n 
1 3  DC  n 
1 4  DG  n 
1 5  A47 n 
1 6  DA  n 
1 7  DT  n 
1 8  DT  n 
1 9  DC  n 
1 10 DG  n 
1 11 DC  n 
1 12 DG  n 
# 
loop_
_chem_comp.id 
_chem_comp.type 
_chem_comp.mon_nstd_flag 
_chem_comp.name 
_chem_comp.pdbx_synonyms 
_chem_comp.formula 
_chem_comp.formula_weight 
A47 'DNA linking' n 
;N6-METHOXY ADENOSINE 5'-MONOPHOSPHATE
;
? 'C11 H16 N5 O7 P' 361.248 
DA  'DNA linking' y "2'-DEOXYADENOSINE-5'-MONOPHOSPHATE"    ? 'C10 H14 N5 O6 P' 331.222 
DC  'DNA linking' y "2'-DEOXYCYTIDINE-5'-MONOPHOSPHATE"     ? 'C9 H14 N3 O7 P'  307.197 
DG  'DNA linking' y "2'-DEOXYGUANOSINE-5'-MONOPHOSPHATE"    ? 'C10 H14 N5 O7 P' 347.221 
DT  'DNA linking' y "THYMIDINE-5'-MONOPHOSPHATE"            ? 'C10 H15 N2 O8 P' 322.208 
HOH non-polymer   . WATER                                   ? 'H2 O'            18.015  
MG  non-polymer   . 'MAGNESIUM ION'                         ? 'Mg 2'            24.305  
# 
loop_
_pdbx_poly_seq_scheme.asym_id 
_pdbx_poly_seq_scheme.entity_id 
_pdbx_poly_seq_scheme.seq_id 
_pdbx_poly_seq_scheme.mon_id 
_pdbx_poly_seq_scheme.ndb_seq_num 
_pdbx_poly_seq_scheme.pdb_seq_num 
_pdbx_poly_seq_scheme.auth_seq_num 
_pdbx_poly_seq_scheme.pdb_mon_id 
_pdbx_poly_seq_scheme.auth_mon_id 
_pdbx_poly_seq_scheme.pdb_strand_id 
_pdbx_poly_seq_scheme.pdb_ins_code 
_pdbx_poly_seq_scheme.hetero 
A 1 1  DC  1  1  1  DC  C  A . n 
A 1 2  DG  2  2  2  DG  G  A . n 
A 1 3  DC  3  3  3  DC  C  A . n 
A 1 4  DG  4  4  4  DG  G  A . n 
A 1 5  A47 5  5  5  A47 +A A . n 
A 1 6  DA  6  6  6  DA  A  A . n 
A 1 7  DT  7  7  7  DT  T  A . n 
A 1 8  DT  8  8  8  DT  T  A . n 
A 1 9  DC  9  9  9  DC  C  A . n 
A 1 10 DG  10 10 10 DG  G  A . n 
A 1 11 DC  11 11 11 DC  C  A . n 
A 1 12 DG  12 12 12 DG  G  A . n 
B 1 1  DC  1  13 13 DC  C  B . n 
B 1 2  DG  2  14 14 DG  G  B . n 
B 1 3  DC  3  15 15 DC  C  B . n 
B 1 4  DG  4  16 16 DG  G  B . n 
B 1 5  A47 5  17 17 A47 +A B . n 
B 1 6  DA  6  18 18 DA  A  B . n 
B 1 7  DT  7  19 19 DT  T  B . n 
B 1 8  DT  8  20 20 DT  T  B . n 
B 1 9  DC  9  21 21 DC  C  B . n 
B 1 10 DG  10 22 22 DG  G  B . n 
B 1 11 DC  11 23 23 DC  C  B . n 
B 1 12 DG  12 24 24 DG  G  B . n 
# 
loop_
_pdbx_nonpoly_scheme.asym_id 
_pdbx_nonpoly_scheme.entity_id 
_pdbx_nonpoly_scheme.mon_id 
_pdbx_nonpoly_scheme.ndb_seq_num 
_pdbx_nonpoly_scheme.pdb_seq_num 
_pdbx_nonpoly_scheme.auth_seq_num 
_pdbx_nonpoly_scheme.pdb_mon_id 
_pdbx_nonpoly_scheme.auth_mon_id 
_pdbx_nonpoly_scheme.pdb_strand_id 
_pdbx_nonpoly_scheme.pdb_ins_code 
C 2 MG  1  25 25 MG  MO6 A . 
D 3 HOH 1  26 26 HOH HOH A . 
D 3 HOH 2  28 28 HOH HOH A . 
D 3 HOH 3  29 29 HOH HOH A . 
D 3 HOH 4  31 31 HOH HOH A . 
D 3 HOH 5  32 32 HOH HOH A . 
D 3 HOH 6  34 34 HOH HOH A . 
D 3 HOH 7  38 38 HOH HOH A . 
D 3 HOH 8  39 39 HOH HOH A . 
D 3 HOH 9  42 42 HOH HOH A . 
D 3 HOH 10 43 43 HOH HOH A . 
D 3 HOH 11 45 45 HOH HOH A . 
D 3 HOH 12 47 47 HOH HOH A . 
D 3 HOH 13 49 49 HOH HOH A . 
D 3 HOH 14 50 50 HOH HOH A . 
D 3 HOH 15 52 52 HOH HOH A . 
D 3 HOH 16 53 53 HOH HOH A . 
D 3 HOH 17 55 55 HOH HOH A . 
D 3 HOH 18 57 57 HOH HOH A . 
D 3 HOH 19 58 58 HOH HOH A . 
D 3 HOH 20 59 59 HOH HOH A . 
D 3 HOH 21 61 61 HOH HOH A . 
D 3 HOH 22 62 62 HOH HOH A . 
D 3 HOH 23 63 63 HOH HOH A . 
D 3 HOH 24 67 67 HOH HOH A . 
D 3 HOH 25 69 69 HOH HOH A . 
D 3 HOH 26 71 71 HOH HOH A . 
D 3 HOH 27 72 72 HOH HOH A . 
D 3 HOH 28 75 75 HOH HOH A . 
D 3 HOH 29 76 76 HOH HOH A . 
D 3 HOH 30 77 77 HOH HOH A . 
D 3 HOH 31 78 78 HOH HOH A . 
D 3 HOH 32 81 81 HOH HOH A . 
D 3 HOH 33 84 84 HOH HOH A . 
D 3 HOH 34 85 85 HOH HOH A . 
D 3 HOH 35 91 25 HOH MO6 A . 
D 3 HOH 36 94 25 HOH MO6 A . 
E 3 HOH 1  27 27 HOH HOH B . 
E 3 HOH 2  30 30 HOH HOH B . 
E 3 HOH 3  33 33 HOH HOH B . 
E 3 HOH 4  35 35 HOH HOH B . 
E 3 HOH 5  36 36 HOH HOH B . 
E 3 HOH 6  37 37 HOH HOH B . 
E 3 HOH 7  40 40 HOH HOH B . 
E 3 HOH 8  41 41 HOH HOH B . 
E 3 HOH 9  44 44 HOH HOH B . 
E 3 HOH 10 46 46 HOH HOH B . 
E 3 HOH 11 48 48 HOH HOH B . 
E 3 HOH 12 51 51 HOH HOH B . 
E 3 HOH 13 54 54 HOH HOH B . 
E 3 HOH 14 56 56 HOH HOH B . 
E 3 HOH 15 60 60 HOH HOH B . 
E 3 HOH 16 64 64 HOH HOH B . 
E 3 HOH 17 65 65 HOH HOH B . 
E 3 HOH 18 66 66 HOH HOH B . 
E 3 HOH 19 68 68 HOH HOH B . 
E 3 HOH 20 70 70 HOH HOH B . 
E 3 HOH 21 73 73 HOH HOH B . 
E 3 HOH 22 74 74 HOH HOH B . 
E 3 HOH 23 79 79 HOH HOH B . 
E 3 HOH 24 80 80 HOH HOH B . 
E 3 HOH 25 82 82 HOH HOH B . 
E 3 HOH 26 83 83 HOH HOH B . 
E 3 HOH 27 86 86 HOH HOH B . 
E 3 HOH 28 87 87 HOH HOH B . 
E 3 HOH 29 88 88 HOH HOH B . 
E 3 HOH 30 89 89 HOH HOH B . 
E 3 HOH 31 90 90 HOH HOH B . 
E 3 HOH 32 92 25 HOH MO6 B . 
E 3 HOH 33 93 25 HOH MO6 B . 
E 3 HOH 34 95 25 HOH MO6 B . 
E 3 HOH 35 96 25 HOH MO6 B . 
# 
loop_
_software.name 
_software.classification 
_software.version 
_software.citation_id 
_software.pdbx_ordinal 
AMoRE  phasing          .         ? 1 
X-PLOR refinement       3.843     ? 2 
DENZO  'data reduction' .         ? 3 
CCP4   'data scaling'   '(SCALA)' ? 4 
# 
_cell.entry_id           457D 
_cell.length_a           24.9 
_cell.length_b           39.5 
_cell.length_c           66.2 
_cell.angle_alpha        90.0 
_cell.angle_beta         90.0 
_cell.angle_gamma        90.0 
_cell.Z_PDB              8 
_cell.pdbx_unique_axis   ? 
# 
_symmetry.entry_id                         457D 
_symmetry.space_group_name_H-M             'P 21 21 21' 
_symmetry.pdbx_full_space_group_name_H-M   ? 
_symmetry.cell_setting                     orthorhombic 
_symmetry.Int_Tables_number                19 
# 
_exptl.entry_id          457D 
_exptl.method            'X-RAY DIFFRACTION' 
_exptl.crystals_number   1 
# 
_exptl_crystal.id                    1 
_exptl_crystal.density_meas          ? 
_exptl_crystal.density_Matthews      2.20 
_exptl_crystal.density_percent_sol   44.18 
_exptl_crystal.description           ? 
# 
_exptl_crystal_grow.crystal_id      1 
_exptl_crystal_grow.method          'VAPOR DIFFUSION, HANGING DROP' 
_exptl_crystal_grow.temp            277 
_exptl_crystal_grow.temp_details    ? 
_exptl_crystal_grow.pH              7.0 
_exptl_crystal_grow.pdbx_details    'pH 7.0, VAPOR DIFFUSION, HANGING DROP, temperature 277K' 
_exptl_crystal_grow.pdbx_pH_range   ? 
# 
loop_
_exptl_crystal_grow_comp.crystal_id 
_exptl_crystal_grow_comp.id 
_exptl_crystal_grow_comp.sol_id 
_exptl_crystal_grow_comp.name 
_exptl_crystal_grow_comp.volume 
_exptl_crystal_grow_comp.conc 
_exptl_crystal_grow_comp.details 
1 1 1 MPD                 ? ? ? 
1 2 1 'SODIUM CACODYLATE' ? ? ? 
1 3 1 'MAGNESIUM ACETATE' ? ? ? 
1 4 1 NACL                ? ? ? 
1 5 1 SPERMINE            ? ? ? 
# 
_diffrn.id                     1 
_diffrn.ambient_temp           110 
_diffrn.ambient_temp_details   ? 
_diffrn.crystal_id             1 
# 
_diffrn_detector.diffrn_id              1 
_diffrn_detector.detector               'IMAGE PLATE' 
_diffrn_detector.type                   'RIGAKU RAXIS IV' 
_diffrn_detector.pdbx_collection_date   1998-10-15 
_diffrn_detector.details                'YALE MIRRORS' 
# 
_diffrn_radiation.diffrn_id                        1 
_diffrn_radiation.wavelength_id                    1 
_diffrn_radiation.pdbx_monochromatic_or_laue_m_l   M 
_diffrn_radiation.monochromator                    ? 
_diffrn_radiation.pdbx_diffrn_protocol             'SINGLE WAVELENGTH' 
_diffrn_radiation.pdbx_scattering_type             x-ray 
# 
_diffrn_radiation_wavelength.id           1 
_diffrn_radiation_wavelength.wavelength   1.5418 
_diffrn_radiation_wavelength.wt           1.0 
# 
_diffrn_source.diffrn_id                   1 
_diffrn_source.source                      'ROTATING ANODE' 
_diffrn_source.type                        'RIGAKU RU300' 
_diffrn_source.pdbx_synchrotron_site       ? 
_diffrn_source.pdbx_synchrotron_beamline   ? 
_diffrn_source.pdbx_wavelength             1.5418 
_diffrn_source.pdbx_wavelength_list        ? 
# 
_reflns.entry_id                     457D 
_reflns.observed_criterion_sigma_I   0.0 
_reflns.observed_criterion_sigma_F   ? 
_reflns.d_resolution_low             100.0 
_reflns.d_resolution_high            2.0 
_reflns.number_obs                   4036 
_reflns.number_all                   4036 
_reflns.percent_possible_obs         84.8 
_reflns.pdbx_Rmerge_I_obs            0.062 
_reflns.pdbx_Rsym_value              ? 
_reflns.pdbx_netI_over_sigmaI        ? 
_reflns.B_iso_Wilson_estimate        ? 
_reflns.pdbx_redundancy              3.6 
_reflns.pdbx_diffrn_id               1 
_reflns.pdbx_ordinal                 1 
# 
_reflns_shell.d_res_high             2.00 
_reflns_shell.d_res_low              2.11 
_reflns_shell.percent_possible_all   70.9 
_reflns_shell.Rmerge_I_obs           0.199 
_reflns_shell.pdbx_Rsym_value        ? 
_reflns_shell.meanI_over_sigI_obs    ? 
_reflns_shell.pdbx_redundancy        2.0 
_reflns_shell.pdbx_diffrn_id         ? 
_reflns_shell.pdbx_ordinal           1 
# 
_refine.entry_id                                 457D 
_refine.ls_number_reflns_obs                     3303 
_refine.ls_number_reflns_all                     3717 
_refine.pdbx_ls_sigma_I                          ? 
_refine.pdbx_ls_sigma_F                          3.0 
_refine.pdbx_data_cutoff_high_absF               ? 
_refine.pdbx_data_cutoff_low_absF                ? 
_refine.pdbx_data_cutoff_high_rms_absF           ? 
_refine.ls_d_res_low                             5.0 
_refine.ls_d_res_high                            2.0 
_refine.ls_percent_reflns_obs                    74.7 
_refine.ls_R_factor_obs                          0.238 
_refine.ls_R_factor_all                          ? 
_refine.ls_R_factor_R_work                       0.232 
_refine.ls_R_factor_R_free                       0.285 
_refine.ls_R_factor_R_free_error                 ? 
_refine.ls_R_factor_R_free_error_details         ? 
_refine.ls_percent_reflns_R_free                 10 
_refine.ls_number_reflns_R_free                  316 
_refine.ls_number_parameters                     ? 
_refine.ls_number_restraints                     ? 
_refine.occupancy_min                            ? 
_refine.occupancy_max                            ? 
_refine.B_iso_mean                               ? 
_refine.aniso_B[1][1]                            ? 
_refine.aniso_B[2][2]                            ? 
_refine.aniso_B[3][3]                            ? 
_refine.aniso_B[1][2]                            ? 
_refine.aniso_B[1][3]                            ? 
_refine.aniso_B[2][3]                            ? 
_refine.solvent_model_details                    ? 
_refine.solvent_model_param_ksol                 ? 
_refine.solvent_model_param_bsol                 ? 
_refine.pdbx_ls_cross_valid_method               THROUGHOUT 
_refine.details                                  ? 
_refine.pdbx_starting_model                      ? 
_refine.pdbx_method_to_determine_struct          ? 
_refine.pdbx_isotropic_thermal_model             ? 
_refine.pdbx_stereochemistry_target_values       ? 
_refine.pdbx_stereochem_target_val_spec_case     ? 
_refine.pdbx_R_Free_selection_details            RANDOM 
_refine.pdbx_overall_ESU_R                       ? 
_refine.pdbx_overall_ESU_R_Free                  ? 
_refine.overall_SU_ML                            ? 
_refine.overall_SU_B                             ? 
_refine.pdbx_refine_id                           'X-RAY DIFFRACTION' 
_refine.pdbx_diffrn_id                           1 
_refine.pdbx_TLS_residual_ADP_flag               ? 
_refine.correlation_coeff_Fo_to_Fc               ? 
_refine.correlation_coeff_Fo_to_Fc_free          ? 
_refine.pdbx_solvent_vdw_probe_radii             ? 
_refine.pdbx_solvent_ion_probe_radii             ? 
_refine.pdbx_solvent_shrinkage_radii             ? 
_refine.pdbx_overall_phase_error                 ? 
_refine.overall_SU_R_Cruickshank_DPI             ? 
_refine.pdbx_overall_SU_R_free_Cruickshank_DPI   ? 
_refine.pdbx_overall_SU_R_Blow_DPI               ? 
_refine.pdbx_overall_SU_R_free_Blow_DPI          ? 
# 
_refine_hist.pdbx_refine_id                   'X-RAY DIFFRACTION' 
_refine_hist.cycle_id                         LAST 
_refine_hist.pdbx_number_atoms_protein        0 
_refine_hist.pdbx_number_atoms_nucleic_acid   486 
_refine_hist.pdbx_number_atoms_ligand         11 
_refine_hist.number_atoms_solvent             65 
_refine_hist.number_atoms_total               562 
_refine_hist.d_res_high                       2.0 
_refine_hist.d_res_low                        5.0 
# 
loop_
_refine_ls_restr.type 
_refine_ls_restr.dev_ideal 
_refine_ls_restr.dev_ideal_target 
_refine_ls_restr.weight 
_refine_ls_restr.number 
_refine_ls_restr.pdbx_refine_id 
_refine_ls_restr.pdbx_restraint_function 
x_bond_d                0.006 ? ? ? 'X-RAY DIFFRACTION' ? 
x_bond_d_na             ?     ? ? ? 'X-RAY DIFFRACTION' ? 
x_bond_d_prot           ?     ? ? ? 'X-RAY DIFFRACTION' ? 
x_angle_d               ?     ? ? ? 'X-RAY DIFFRACTION' ? 
x_angle_d_na            ?     ? ? ? 'X-RAY DIFFRACTION' ? 
x_angle_d_prot          ?     ? ? ? 'X-RAY DIFFRACTION' ? 
x_angle_deg             1.03  ? ? ? 'X-RAY DIFFRACTION' ? 
x_angle_deg_na          ?     ? ? ? 'X-RAY DIFFRACTION' ? 
x_angle_deg_prot        ?     ? ? ? 'X-RAY DIFFRACTION' ? 
x_dihedral_angle_d      ?     ? ? ? 'X-RAY DIFFRACTION' ? 
x_dihedral_angle_d_na   ?     ? ? ? 'X-RAY DIFFRACTION' ? 
x_dihedral_angle_d_prot ?     ? ? ? 'X-RAY DIFFRACTION' ? 
x_improper_angle_d      ?     ? ? ? 'X-RAY DIFFRACTION' ? 
x_improper_angle_d_na   ?     ? ? ? 'X-RAY DIFFRACTION' ? 
x_improper_angle_d_prot ?     ? ? ? 'X-RAY DIFFRACTION' ? 
x_mcbond_it             ?     ? ? ? 'X-RAY DIFFRACTION' ? 
x_mcangle_it            ?     ? ? ? 'X-RAY DIFFRACTION' ? 
x_scbond_it             ?     ? ? ? 'X-RAY DIFFRACTION' ? 
x_scangle_it            ?     ? ? ? 'X-RAY DIFFRACTION' ? 
# 
_struct.entry_id                  457D 
_struct.title                     
'MOLECULAR AND CRYSTAL STRUCTURE OF D(CGCGMO6AATTCGCG): N6-METHOXYADENOSINE/ THYMIDINE BASE-PAIRS IN B-DNA' 
_struct.pdbx_model_details        ? 
_struct.pdbx_CASP_flag            ? 
_struct.pdbx_model_type_details   ? 
# 
_struct_keywords.entry_id        457D 
_struct_keywords.pdbx_keywords   DNA 
_struct_keywords.text            'MODIFIED NUCLEOTIDE, METHOXYADENOSINE, DNA DAMAGE, B-DNA, DOUBLE HELIX, DNA' 
# 
loop_
_struct_asym.id 
_struct_asym.pdbx_blank_PDB_chainid_flag 
_struct_asym.pdbx_modified 
_struct_asym.entity_id 
_struct_asym.details 
A N N 1 ? 
B N N 1 ? 
C N N 2 ? 
D N N 3 ? 
E N N 3 ? 
# 
_struct_ref.id                         1 
_struct_ref.entity_id                  1 
_struct_ref.db_name                    PDB 
_struct_ref.db_code                    457D 
_struct_ref.pdbx_db_accession          457D 
_struct_ref.pdbx_db_isoform            ? 
_struct_ref.pdbx_seq_one_letter_code   ? 
_struct_ref.pdbx_align_begin           ? 
# 
loop_
_struct_ref_seq.align_id 
_struct_ref_seq.ref_id 
_struct_ref_seq.pdbx_PDB_id_code 
_struct_ref_seq.pdbx_strand_id 
_struct_ref_seq.seq_align_beg 
_struct_ref_seq.pdbx_seq_align_beg_ins_code 
_struct_ref_seq.seq_align_end 
_struct_ref_seq.pdbx_seq_align_end_ins_code 
_struct_ref_seq.pdbx_db_accession 
_struct_ref_seq.db_align_beg 
_struct_ref_seq.pdbx_db_align_beg_ins_code 
_struct_ref_seq.db_align_end 
_struct_ref_seq.pdbx_db_align_end_ins_code 
_struct_ref_seq.pdbx_auth_seq_align_beg 
_struct_ref_seq.pdbx_auth_seq_align_end 
1 1 457D A 1 ? 12 ? 457D 1  ? 12 ? 1  12 
2 1 457D B 1 ? 12 ? 457D 13 ? 24 ? 13 24 
# 
_pdbx_struct_assembly.id                   1 
_pdbx_struct_assembly.details              author_defined_assembly 
_pdbx_struct_assembly.method_details       ? 
_pdbx_struct_assembly.oligomeric_details   dimeric 
_pdbx_struct_assembly.oligomeric_count     2 
# 
_pdbx_struct_assembly_gen.assembly_id       1 
_pdbx_struct_assembly_gen.oper_expression   1 
_pdbx_struct_assembly_gen.asym_id_list      A,B,C,D,E 
# 
_pdbx_struct_oper_list.id                   1 
_pdbx_struct_oper_list.type                 'identity operation' 
_pdbx_struct_oper_list.name                 1_555 
_pdbx_struct_oper_list.symmetry_operation   x,y,z 
_pdbx_struct_oper_list.matrix[1][1]         1.0000000000 
_pdbx_struct_oper_list.matrix[1][2]         0.0000000000 
_pdbx_struct_oper_list.matrix[1][3]         0.0000000000 
_pdbx_struct_oper_list.vector[1]            0.0000000000 
_pdbx_struct_oper_list.matrix[2][1]         0.0000000000 
_pdbx_struct_oper_list.matrix[2][2]         1.0000000000 
_pdbx_struct_oper_list.matrix[2][3]         0.0000000000 
_pdbx_struct_oper_list.vector[2]            0.0000000000 
_pdbx_struct_oper_list.matrix[3][1]         0.0000000000 
_pdbx_struct_oper_list.matrix[3][2]         0.0000000000 
_pdbx_struct_oper_list.matrix[3][3]         1.0000000000 
_pdbx_struct_oper_list.vector[3]            0.0000000000 
# 
_struct_biol.id   1 
# 
loop_
_struct_conn.id 
_struct_conn.conn_type_id 
_struct_conn.pdbx_leaving_atom_flag 
_struct_conn.pdbx_PDB_id 
_struct_conn.ptnr1_label_asym_id 
_struct_conn.ptnr1_label_comp_id 
_struct_conn.ptnr1_label_seq_id 
_struct_conn.ptnr1_label_atom_id 
_struct_conn.pdbx_ptnr1_label_alt_id 
_struct_conn.pdbx_ptnr1_PDB_ins_code 
_struct_conn.pdbx_ptnr1_standard_comp_id 
_struct_conn.ptnr1_symmetry 
_struct_conn.ptnr2_label_asym_id 
_struct_conn.ptnr2_label_comp_id 
_struct_conn.ptnr2_label_seq_id 
_struct_conn.ptnr2_label_atom_id 
_struct_conn.pdbx_ptnr2_label_alt_id 
_struct_conn.pdbx_ptnr2_PDB_ins_code 
_struct_conn.ptnr1_auth_asym_id 
_struct_conn.ptnr1_auth_comp_id 
_struct_conn.ptnr1_auth_seq_id 
_struct_conn.ptnr2_auth_asym_id 
_struct_conn.ptnr2_auth_comp_id 
_struct_conn.ptnr2_auth_seq_id 
_struct_conn.ptnr2_symmetry 
_struct_conn.pdbx_ptnr3_label_atom_id 
_struct_conn.pdbx_ptnr3_label_seq_id 
_struct_conn.pdbx_ptnr3_label_comp_id 
_struct_conn.pdbx_ptnr3_label_asym_id 
_struct_conn.pdbx_ptnr3_label_alt_id 
_struct_conn.pdbx_ptnr3_PDB_ins_code 
_struct_conn.details 
_struct_conn.pdbx_dist_value 
_struct_conn.pdbx_value_order 
_struct_conn.pdbx_role 
covale1  covale both ? A DG  4  "O3'" ? ? ? 1_555 A A47 5  P  ? ? A DG  4  A A47 5  1_555 ? ? ? ? ? ? ?            1.593 ? ? 
covale2  covale one  ? A A47 5  "O3'" ? ? ? 1_555 A DA  6  P  ? ? A A47 5  A DA  6  1_555 ? ? ? ? ? ? ?            1.609 ? ? 
covale3  covale both ? B DG  4  "O3'" ? ? ? 1_555 B A47 5  P  ? ? B DG  16 B A47 17 1_555 ? ? ? ? ? ? ?            1.615 ? ? 
covale4  covale one  ? B A47 5  "O3'" ? ? ? 1_555 B DA  6  P  ? ? B A47 17 B DA  18 1_555 ? ? ? ? ? ? ?            1.608 ? ? 
metalc1  metalc ?    ? C MG  .  MG    ? ? ? 1_555 D HOH .  O  ? ? A MG  25 A HOH 91 1_555 ? ? ? ? ? ? ?            2.048 ? ? 
metalc2  metalc ?    ? C MG  .  MG    ? ? ? 1_555 D HOH .  O  ? ? A MG  25 A HOH 94 1_555 ? ? ? ? ? ? ?            2.058 ? ? 
metalc3  metalc ?    ? C MG  .  MG    ? ? ? 1_555 E HOH .  O  ? ? A MG  25 B HOH 92 1_555 ? ? ? ? ? ? ?            2.032 ? ? 
metalc4  metalc ?    ? C MG  .  MG    ? ? ? 1_555 E HOH .  O  ? ? A MG  25 B HOH 93 1_555 ? ? ? ? ? ? ?            2.034 ? ? 
metalc5  metalc ?    ? C MG  .  MG    ? ? ? 1_555 E HOH .  O  ? ? A MG  25 B HOH 95 1_555 ? ? ? ? ? ? ?            2.051 ? ? 
metalc6  metalc ?    ? C MG  .  MG    ? ? ? 1_555 E HOH .  O  ? ? A MG  25 B HOH 96 1_555 ? ? ? ? ? ? ?            2.061 ? ? 
hydrog1  hydrog ?    ? A DC  1  N3    ? ? ? 1_555 B DG  12 N1 ? ? A DC  1  B DG  24 1_555 ? ? ? ? ? ? WATSON-CRICK ?     ? ? 
hydrog2  hydrog ?    ? A DC  1  N4    ? ? ? 1_555 B DG  12 O6 ? ? A DC  1  B DG  24 1_555 ? ? ? ? ? ? WATSON-CRICK ?     ? ? 
hydrog3  hydrog ?    ? A DC  1  O2    ? ? ? 1_555 B DG  12 N2 ? ? A DC  1  B DG  24 1_555 ? ? ? ? ? ? WATSON-CRICK ?     ? ? 
hydrog4  hydrog ?    ? A DG  2  N1    ? ? ? 1_555 B DC  11 N3 ? ? A DG  2  B DC  23 1_555 ? ? ? ? ? ? WATSON-CRICK ?     ? ? 
hydrog5  hydrog ?    ? A DG  2  N2    ? ? ? 1_555 B DC  11 O2 ? ? A DG  2  B DC  23 1_555 ? ? ? ? ? ? WATSON-CRICK ?     ? ? 
hydrog6  hydrog ?    ? A DG  2  O6    ? ? ? 1_555 B DC  11 N4 ? ? A DG  2  B DC  23 1_555 ? ? ? ? ? ? WATSON-CRICK ?     ? ? 
hydrog7  hydrog ?    ? A DC  3  N3    ? ? ? 1_555 B DG  10 N1 ? ? A DC  3  B DG  22 1_555 ? ? ? ? ? ? WATSON-CRICK ?     ? ? 
hydrog8  hydrog ?    ? A DC  3  N4    ? ? ? 1_555 B DG  10 O6 ? ? A DC  3  B DG  22 1_555 ? ? ? ? ? ? WATSON-CRICK ?     ? ? 
hydrog9  hydrog ?    ? A DC  3  O2    ? ? ? 1_555 B DG  10 N2 ? ? A DC  3  B DG  22 1_555 ? ? ? ? ? ? WATSON-CRICK ?     ? ? 
hydrog10 hydrog ?    ? A DG  4  N1    ? ? ? 1_555 B DC  9  N3 ? ? A DG  4  B DC  21 1_555 ? ? ? ? ? ? WATSON-CRICK ?     ? ? 
hydrog11 hydrog ?    ? A DG  4  N2    ? ? ? 1_555 B DC  9  O2 ? ? A DG  4  B DC  21 1_555 ? ? ? ? ? ? WATSON-CRICK ?     ? ? 
hydrog12 hydrog ?    ? A DG  4  O6    ? ? ? 1_555 B DC  9  N4 ? ? A DG  4  B DC  21 1_555 ? ? ? ? ? ? WATSON-CRICK ?     ? ? 
hydrog13 hydrog ?    ? A A47 5  N1    ? ? ? 1_555 B DT  8  N3 ? ? A A47 5  B DT  20 1_555 ? ? ? ? ? ? WATSON-CRICK ?     ? ? 
hydrog14 hydrog ?    ? A A47 5  N6    ? ? ? 1_555 B DT  8  O4 ? ? A A47 5  B DT  20 1_555 ? ? ? ? ? ? WATSON-CRICK ?     ? ? 
hydrog15 hydrog ?    ? A DA  6  N1    ? ? ? 1_555 B DT  7  N3 ? ? A DA  6  B DT  19 1_555 ? ? ? ? ? ? WATSON-CRICK ?     ? ? 
hydrog16 hydrog ?    ? A DA  6  N6    ? ? ? 1_555 B DT  7  O4 ? ? A DA  6  B DT  19 1_555 ? ? ? ? ? ? WATSON-CRICK ?     ? ? 
hydrog17 hydrog ?    ? A DT  7  N3    ? ? ? 1_555 B DA  6  N1 ? ? A DT  7  B DA  18 1_555 ? ? ? ? ? ? WATSON-CRICK ?     ? ? 
hydrog18 hydrog ?    ? A DT  7  O4    ? ? ? 1_555 B DA  6  N6 ? ? A DT  7  B DA  18 1_555 ? ? ? ? ? ? WATSON-CRICK ?     ? ? 
hydrog19 hydrog ?    ? A DT  8  N3    ? ? ? 1_555 B A47 5  N1 ? ? A DT  8  B A47 17 1_555 ? ? ? ? ? ? WATSON-CRICK ?     ? ? 
hydrog20 hydrog ?    ? A DT  8  O4    ? ? ? 1_555 B A47 5  N6 ? ? A DT  8  B A47 17 1_555 ? ? ? ? ? ? WATSON-CRICK ?     ? ? 
hydrog21 hydrog ?    ? A DC  9  N3    ? ? ? 1_555 B DG  4  N1 ? ? A DC  9  B DG  16 1_555 ? ? ? ? ? ? WATSON-CRICK ?     ? ? 
hydrog22 hydrog ?    ? A DC  9  N4    ? ? ? 1_555 B DG  4  O6 ? ? A DC  9  B DG  16 1_555 ? ? ? ? ? ? WATSON-CRICK ?     ? ? 
hydrog23 hydrog ?    ? A DC  9  O2    ? ? ? 1_555 B DG  4  N2 ? ? A DC  9  B DG  16 1_555 ? ? ? ? ? ? WATSON-CRICK ?     ? ? 
hydrog24 hydrog ?    ? A DG  10 N1    ? ? ? 1_555 B DC  3  N3 ? ? A DG  10 B DC  15 1_555 ? ? ? ? ? ? WATSON-CRICK ?     ? ? 
hydrog25 hydrog ?    ? A DG  10 N2    ? ? ? 1_555 B DC  3  O2 ? ? A DG  10 B DC  15 1_555 ? ? ? ? ? ? WATSON-CRICK ?     ? ? 
hydrog26 hydrog ?    ? A DG  10 O6    ? ? ? 1_555 B DC  3  N4 ? ? A DG  10 B DC  15 1_555 ? ? ? ? ? ? WATSON-CRICK ?     ? ? 
hydrog27 hydrog ?    ? A DC  11 N3    ? ? ? 1_555 B DG  2  N1 ? ? A DC  11 B DG  14 1_555 ? ? ? ? ? ? WATSON-CRICK ?     ? ? 
hydrog28 hydrog ?    ? A DC  11 N4    ? ? ? 1_555 B DG  2  O6 ? ? A DC  11 B DG  14 1_555 ? ? ? ? ? ? WATSON-CRICK ?     ? ? 
hydrog29 hydrog ?    ? A DC  11 O2    ? ? ? 1_555 B DG  2  N2 ? ? A DC  11 B DG  14 1_555 ? ? ? ? ? ? WATSON-CRICK ?     ? ? 
hydrog30 hydrog ?    ? A DG  12 N1    ? ? ? 1_555 B DC  1  N3 ? ? A DG  12 B DC  13 1_555 ? ? ? ? ? ? WATSON-CRICK ?     ? ? 
hydrog31 hydrog ?    ? A DG  12 N2    ? ? ? 1_555 B DC  1  O2 ? ? A DG  12 B DC  13 1_555 ? ? ? ? ? ? WATSON-CRICK ?     ? ? 
hydrog32 hydrog ?    ? A DG  12 O6    ? ? ? 1_555 B DC  1  N4 ? ? A DG  12 B DC  13 1_555 ? ? ? ? ? ? WATSON-CRICK ?     ? ? 
# 
loop_
_struct_conn_type.id 
_struct_conn_type.criteria 
_struct_conn_type.reference 
covale ? ? 
metalc ? ? 
hydrog ? ? 
# 
loop_
_pdbx_struct_conn_angle.id 
_pdbx_struct_conn_angle.ptnr1_label_atom_id 
_pdbx_struct_conn_angle.ptnr1_label_alt_id 
_pdbx_struct_conn_angle.ptnr1_label_asym_id 
_pdbx_struct_conn_angle.ptnr1_label_comp_id 
_pdbx_struct_conn_angle.ptnr1_label_seq_id 
_pdbx_struct_conn_angle.ptnr1_auth_atom_id 
_pdbx_struct_conn_angle.ptnr1_auth_asym_id 
_pdbx_struct_conn_angle.ptnr1_auth_comp_id 
_pdbx_struct_conn_angle.ptnr1_auth_seq_id 
_pdbx_struct_conn_angle.ptnr1_PDB_ins_code 
_pdbx_struct_conn_angle.ptnr1_symmetry 
_pdbx_struct_conn_angle.ptnr2_label_atom_id 
_pdbx_struct_conn_angle.ptnr2_label_alt_id 
_pdbx_struct_conn_angle.ptnr2_label_asym_id 
_pdbx_struct_conn_angle.ptnr2_label_comp_id 
_pdbx_struct_conn_angle.ptnr2_label_seq_id 
_pdbx_struct_conn_angle.ptnr2_auth_atom_id 
_pdbx_struct_conn_angle.ptnr2_auth_asym_id 
_pdbx_struct_conn_angle.ptnr2_auth_comp_id 
_pdbx_struct_conn_angle.ptnr2_auth_seq_id 
_pdbx_struct_conn_angle.ptnr2_PDB_ins_code 
_pdbx_struct_conn_angle.ptnr2_symmetry 
_pdbx_struct_conn_angle.ptnr3_label_atom_id 
_pdbx_struct_conn_angle.ptnr3_label_alt_id 
_pdbx_struct_conn_angle.ptnr3_label_asym_id 
_pdbx_struct_conn_angle.ptnr3_label_comp_id 
_pdbx_struct_conn_angle.ptnr3_label_seq_id 
_pdbx_struct_conn_angle.ptnr3_auth_atom_id 
_pdbx_struct_conn_angle.ptnr3_auth_asym_id 
_pdbx_struct_conn_angle.ptnr3_auth_comp_id 
_pdbx_struct_conn_angle.ptnr3_auth_seq_id 
_pdbx_struct_conn_angle.ptnr3_PDB_ins_code 
_pdbx_struct_conn_angle.ptnr3_symmetry 
_pdbx_struct_conn_angle.value 
_pdbx_struct_conn_angle.value_esd 
1  O ? D HOH . ? A HOH 91 ? 1_555 MG ? C MG . ? A MG 25 ? 1_555 O ? D HOH . ? A HOH 94 ? 1_555 89.8  ? 
2  O ? D HOH . ? A HOH 91 ? 1_555 MG ? C MG . ? A MG 25 ? 1_555 O ? E HOH . ? B HOH 92 ? 1_555 176.8 ? 
3  O ? D HOH . ? A HOH 94 ? 1_555 MG ? C MG . ? A MG 25 ? 1_555 O ? E HOH . ? B HOH 92 ? 1_555 91.5  ? 
4  O ? D HOH . ? A HOH 91 ? 1_555 MG ? C MG . ? A MG 25 ? 1_555 O ? E HOH . ? B HOH 93 ? 1_555 89.2  ? 
5  O ? D HOH . ? A HOH 94 ? 1_555 MG ? C MG . ? A MG 25 ? 1_555 O ? E HOH . ? B HOH 93 ? 1_555 176.8 ? 
6  O ? E HOH . ? B HOH 92 ? 1_555 MG ? C MG . ? A MG 25 ? 1_555 O ? E HOH . ? B HOH 93 ? 1_555 89.6  ? 
7  O ? D HOH . ? A HOH 91 ? 1_555 MG ? C MG . ? A MG 25 ? 1_555 O ? E HOH . ? B HOH 95 ? 1_555 92.2  ? 
8  O ? D HOH . ? A HOH 94 ? 1_555 MG ? C MG . ? A MG 25 ? 1_555 O ? E HOH . ? B HOH 95 ? 1_555 88.4  ? 
9  O ? E HOH . ? B HOH 92 ? 1_555 MG ? C MG . ? A MG 25 ? 1_555 O ? E HOH . ? B HOH 95 ? 1_555 90.7  ? 
10 O ? E HOH . ? B HOH 93 ? 1_555 MG ? C MG . ? A MG 25 ? 1_555 O ? E HOH . ? B HOH 95 ? 1_555 88.6  ? 
11 O ? D HOH . ? A HOH 91 ? 1_555 MG ? C MG . ? A MG 25 ? 1_555 O ? E HOH . ? B HOH 96 ? 1_555 87.0  ? 
12 O ? D HOH . ? A HOH 94 ? 1_555 MG ? C MG . ? A MG 25 ? 1_555 O ? E HOH . ? B HOH 96 ? 1_555 92.5  ? 
13 O ? E HOH . ? B HOH 92 ? 1_555 MG ? C MG . ? A MG 25 ? 1_555 O ? E HOH . ? B HOH 96 ? 1_555 90.0  ? 
14 O ? E HOH . ? B HOH 93 ? 1_555 MG ? C MG . ? A MG 25 ? 1_555 O ? E HOH . ? B HOH 96 ? 1_555 90.5  ? 
15 O ? E HOH . ? B HOH 95 ? 1_555 MG ? C MG . ? A MG 25 ? 1_555 O ? E HOH . ? B HOH 96 ? 1_555 178.9 ? 
# 
_struct_site.id                   AC1 
_struct_site.pdbx_evidence_code   Software 
_struct_site.pdbx_auth_asym_id    A 
_struct_site.pdbx_auth_comp_id    MG 
_struct_site.pdbx_auth_seq_id     25 
_struct_site.pdbx_auth_ins_code   ? 
_struct_site.pdbx_num_residues    6 
_struct_site.details              'BINDING SITE FOR RESIDUE MG A 25' 
# 
loop_
_struct_site_gen.id 
_struct_site_gen.site_id 
_struct_site_gen.pdbx_num_res 
_struct_site_gen.label_comp_id 
_struct_site_gen.label_asym_id 
_struct_site_gen.label_seq_id 
_struct_site_gen.pdbx_auth_ins_code 
_struct_site_gen.auth_comp_id 
_struct_site_gen.auth_asym_id 
_struct_site_gen.auth_seq_id 
_struct_site_gen.label_atom_id 
_struct_site_gen.label_alt_id 
_struct_site_gen.symmetry 
_struct_site_gen.details 
1 AC1 6 HOH D . ? HOH A 91 . ? 1_555 ? 
2 AC1 6 HOH D . ? HOH A 94 . ? 1_555 ? 
3 AC1 6 HOH E . ? HOH B 92 . ? 1_555 ? 
4 AC1 6 HOH E . ? HOH B 93 . ? 1_555 ? 
5 AC1 6 HOH E . ? HOH B 95 . ? 1_555 ? 
6 AC1 6 HOH E . ? HOH B 96 . ? 1_555 ? 
# 
loop_
_pdbx_struct_mod_residue.id 
_pdbx_struct_mod_residue.label_asym_id 
_pdbx_struct_mod_residue.label_comp_id 
_pdbx_struct_mod_residue.label_seq_id 
_pdbx_struct_mod_residue.auth_asym_id 
_pdbx_struct_mod_residue.auth_comp_id 
_pdbx_struct_mod_residue.auth_seq_id 
_pdbx_struct_mod_residue.PDB_ins_code 
_pdbx_struct_mod_residue.parent_comp_id 
_pdbx_struct_mod_residue.details 
1 A A47 5 A A47 5  ? DA 
;N6-METHOXY ADENOSINE 5'-MONOPHOSPHATE
;
2 B A47 5 B A47 17 ? DA 
;N6-METHOXY ADENOSINE 5'-MONOPHOSPHATE
;
# 
loop_
_chem_comp_atom.comp_id 
_chem_comp_atom.atom_id 
_chem_comp_atom.type_symbol 
_chem_comp_atom.pdbx_aromatic_flag 
_chem_comp_atom.pdbx_stereo_config 
_chem_comp_atom.pdbx_ordinal 
A47 O3P    O  N N 1   
A47 P      P  N N 2   
A47 O1P    O  N N 3   
A47 O2P    O  N N 4   
A47 "O5'"  O  N N 5   
A47 "C5'"  C  N N 6   
A47 "C4'"  C  N R 7   
A47 "O4'"  O  N N 8   
A47 "C3'"  C  N S 9   
A47 "O3'"  O  N N 10  
A47 "C2'"  C  N N 11  
A47 "C1'"  C  N R 12  
A47 N9     N  Y N 13  
A47 C8     C  Y N 14  
A47 N7     N  Y N 15  
A47 C5     C  Y N 16  
A47 C6     C  Y N 17  
A47 N6     N  N N 18  
A47 N1     N  Y N 19  
A47 C2     C  Y N 20  
A47 N3     N  Y N 21  
A47 C4     C  Y N 22  
A47 O1     O  N N 23  
A47 C1     C  N N 24  
A47 H1P    H  N N 25  
A47 H2P    H  N N 26  
A47 "H5'1" H  N N 27  
A47 "H5'2" H  N N 28  
A47 "H4'"  H  N N 29  
A47 "H3'"  H  N N 30  
A47 HA     H  N N 31  
A47 "H2'1" H  N N 32  
A47 "H2'2" H  N N 33  
A47 "H1'"  H  N N 34  
A47 H8     H  N N 35  
A47 H6     H  N N 36  
A47 H2     H  N N 37  
A47 H1C1   H  N N 38  
A47 H1C2   H  N N 39  
A47 H1C3   H  N N 40  
DA  OP3    O  N N 41  
DA  P      P  N N 42  
DA  OP1    O  N N 43  
DA  OP2    O  N N 44  
DA  "O5'"  O  N N 45  
DA  "C5'"  C  N N 46  
DA  "C4'"  C  N R 47  
DA  "O4'"  O  N N 48  
DA  "C3'"  C  N S 49  
DA  "O3'"  O  N N 50  
DA  "C2'"  C  N N 51  
DA  "C1'"  C  N R 52  
DA  N9     N  Y N 53  
DA  C8     C  Y N 54  
DA  N7     N  Y N 55  
DA  C5     C  Y N 56  
DA  C6     C  Y N 57  
DA  N6     N  N N 58  
DA  N1     N  Y N 59  
DA  C2     C  Y N 60  
DA  N3     N  Y N 61  
DA  C4     C  Y N 62  
DA  HOP3   H  N N 63  
DA  HOP2   H  N N 64  
DA  "H5'"  H  N N 65  
DA  "H5''" H  N N 66  
DA  "H4'"  H  N N 67  
DA  "H3'"  H  N N 68  
DA  "HO3'" H  N N 69  
DA  "H2'"  H  N N 70  
DA  "H2''" H  N N 71  
DA  "H1'"  H  N N 72  
DA  H8     H  N N 73  
DA  H61    H  N N 74  
DA  H62    H  N N 75  
DA  H2     H  N N 76  
DC  OP3    O  N N 77  
DC  P      P  N N 78  
DC  OP1    O  N N 79  
DC  OP2    O  N N 80  
DC  "O5'"  O  N N 81  
DC  "C5'"  C  N N 82  
DC  "C4'"  C  N R 83  
DC  "O4'"  O  N N 84  
DC  "C3'"  C  N S 85  
DC  "O3'"  O  N N 86  
DC  "C2'"  C  N N 87  
DC  "C1'"  C  N R 88  
DC  N1     N  N N 89  
DC  C2     C  N N 90  
DC  O2     O  N N 91  
DC  N3     N  N N 92  
DC  C4     C  N N 93  
DC  N4     N  N N 94  
DC  C5     C  N N 95  
DC  C6     C  N N 96  
DC  HOP3   H  N N 97  
DC  HOP2   H  N N 98  
DC  "H5'"  H  N N 99  
DC  "H5''" H  N N 100 
DC  "H4'"  H  N N 101 
DC  "H3'"  H  N N 102 
DC  "HO3'" H  N N 103 
DC  "H2'"  H  N N 104 
DC  "H2''" H  N N 105 
DC  "H1'"  H  N N 106 
DC  H41    H  N N 107 
DC  H42    H  N N 108 
DC  H5     H  N N 109 
DC  H6     H  N N 110 
DG  OP3    O  N N 111 
DG  P      P  N N 112 
DG  OP1    O  N N 113 
DG  OP2    O  N N 114 
DG  "O5'"  O  N N 115 
DG  "C5'"  C  N N 116 
DG  "C4'"  C  N R 117 
DG  "O4'"  O  N N 118 
DG  "C3'"  C  N S 119 
DG  "O3'"  O  N N 120 
DG  "C2'"  C  N N 121 
DG  "C1'"  C  N R 122 
DG  N9     N  Y N 123 
DG  C8     C  Y N 124 
DG  N7     N  Y N 125 
DG  C5     C  Y N 126 
DG  C6     C  N N 127 
DG  O6     O  N N 128 
DG  N1     N  N N 129 
DG  C2     C  N N 130 
DG  N2     N  N N 131 
DG  N3     N  N N 132 
DG  C4     C  Y N 133 
DG  HOP3   H  N N 134 
DG  HOP2   H  N N 135 
DG  "H5'"  H  N N 136 
DG  "H5''" H  N N 137 
DG  "H4'"  H  N N 138 
DG  "H3'"  H  N N 139 
DG  "HO3'" H  N N 140 
DG  "H2'"  H  N N 141 
DG  "H2''" H  N N 142 
DG  "H1'"  H  N N 143 
DG  H8     H  N N 144 
DG  H1     H  N N 145 
DG  H21    H  N N 146 
DG  H22    H  N N 147 
DT  OP3    O  N N 148 
DT  P      P  N N 149 
DT  OP1    O  N N 150 
DT  OP2    O  N N 151 
DT  "O5'"  O  N N 152 
DT  "C5'"  C  N N 153 
DT  "C4'"  C  N R 154 
DT  "O4'"  O  N N 155 
DT  "C3'"  C  N S 156 
DT  "O3'"  O  N N 157 
DT  "C2'"  C  N N 158 
DT  "C1'"  C  N R 159 
DT  N1     N  N N 160 
DT  C2     C  N N 161 
DT  O2     O  N N 162 
DT  N3     N  N N 163 
DT  C4     C  N N 164 
DT  O4     O  N N 165 
DT  C5     C  N N 166 
DT  C7     C  N N 167 
DT  C6     C  N N 168 
DT  HOP3   H  N N 169 
DT  HOP2   H  N N 170 
DT  "H5'"  H  N N 171 
DT  "H5''" H  N N 172 
DT  "H4'"  H  N N 173 
DT  "H3'"  H  N N 174 
DT  "HO3'" H  N N 175 
DT  "H2'"  H  N N 176 
DT  "H2''" H  N N 177 
DT  "H1'"  H  N N 178 
DT  H3     H  N N 179 
DT  H71    H  N N 180 
DT  H72    H  N N 181 
DT  H73    H  N N 182 
DT  H6     H  N N 183 
HOH O      O  N N 184 
HOH H1     H  N N 185 
HOH H2     H  N N 186 
MG  MG     MG N N 187 
# 
loop_
_chem_comp_bond.comp_id 
_chem_comp_bond.atom_id_1 
_chem_comp_bond.atom_id_2 
_chem_comp_bond.value_order 
_chem_comp_bond.pdbx_aromatic_flag 
_chem_comp_bond.pdbx_stereo_config 
_chem_comp_bond.pdbx_ordinal 
A47 O3P   P      doub N N 1   
A47 P     O1P    sing N N 2   
A47 P     O2P    sing N N 3   
A47 P     "O5'"  sing N N 4   
A47 O1P   H1P    sing N N 5   
A47 O2P   H2P    sing N N 6   
A47 "O5'" "C5'"  sing N N 7   
A47 "C5'" "C4'"  sing N N 8   
A47 "C5'" "H5'1" sing N N 9   
A47 "C5'" "H5'2" sing N N 10  
A47 "C4'" "O4'"  sing N N 11  
A47 "C4'" "C3'"  sing N N 12  
A47 "C4'" "H4'"  sing N N 13  
A47 "O4'" "C1'"  sing N N 14  
A47 "C3'" "O3'"  sing N N 15  
A47 "C3'" "C2'"  sing N N 16  
A47 "C3'" "H3'"  sing N N 17  
A47 "O3'" HA     sing N N 18  
A47 "C2'" "C1'"  sing N N 19  
A47 "C2'" "H2'1" sing N N 20  
A47 "C2'" "H2'2" sing N N 21  
A47 "C1'" N9     sing N N 22  
A47 "C1'" "H1'"  sing N N 23  
A47 N9    C8     sing Y N 24  
A47 N9    C4     sing Y N 25  
A47 C8    N7     doub Y N 26  
A47 C8    H8     sing N N 27  
A47 N7    C5     sing Y N 28  
A47 C5    C6     doub Y N 29  
A47 C5    C4     sing Y N 30  
A47 C6    N6     sing N N 31  
A47 C6    N1     sing Y N 32  
A47 N6    O1     sing N N 33  
A47 N6    H6     sing N N 34  
A47 N1    C2     doub Y N 35  
A47 C2    N3     sing Y N 36  
A47 C2    H2     sing N N 37  
A47 N3    C4     doub Y N 38  
A47 O1    C1     sing N N 39  
A47 C1    H1C1   sing N N 40  
A47 C1    H1C2   sing N N 41  
A47 C1    H1C3   sing N N 42  
DA  OP3   P      sing N N 43  
DA  OP3   HOP3   sing N N 44  
DA  P     OP1    doub N N 45  
DA  P     OP2    sing N N 46  
DA  P     "O5'"  sing N N 47  
DA  OP2   HOP2   sing N N 48  
DA  "O5'" "C5'"  sing N N 49  
DA  "C5'" "C4'"  sing N N 50  
DA  "C5'" "H5'"  sing N N 51  
DA  "C5'" "H5''" sing N N 52  
DA  "C4'" "O4'"  sing N N 53  
DA  "C4'" "C3'"  sing N N 54  
DA  "C4'" "H4'"  sing N N 55  
DA  "O4'" "C1'"  sing N N 56  
DA  "C3'" "O3'"  sing N N 57  
DA  "C3'" "C2'"  sing N N 58  
DA  "C3'" "H3'"  sing N N 59  
DA  "O3'" "HO3'" sing N N 60  
DA  "C2'" "C1'"  sing N N 61  
DA  "C2'" "H2'"  sing N N 62  
DA  "C2'" "H2''" sing N N 63  
DA  "C1'" N9     sing N N 64  
DA  "C1'" "H1'"  sing N N 65  
DA  N9    C8     sing Y N 66  
DA  N9    C4     sing Y N 67  
DA  C8    N7     doub Y N 68  
DA  C8    H8     sing N N 69  
DA  N7    C5     sing Y N 70  
DA  C5    C6     sing Y N 71  
DA  C5    C4     doub Y N 72  
DA  C6    N6     sing N N 73  
DA  C6    N1     doub Y N 74  
DA  N6    H61    sing N N 75  
DA  N6    H62    sing N N 76  
DA  N1    C2     sing Y N 77  
DA  C2    N3     doub Y N 78  
DA  C2    H2     sing N N 79  
DA  N3    C4     sing Y N 80  
DC  OP3   P      sing N N 81  
DC  OP3   HOP3   sing N N 82  
DC  P     OP1    doub N N 83  
DC  P     OP2    sing N N 84  
DC  P     "O5'"  sing N N 85  
DC  OP2   HOP2   sing N N 86  
DC  "O5'" "C5'"  sing N N 87  
DC  "C5'" "C4'"  sing N N 88  
DC  "C5'" "H5'"  sing N N 89  
DC  "C5'" "H5''" sing N N 90  
DC  "C4'" "O4'"  sing N N 91  
DC  "C4'" "C3'"  sing N N 92  
DC  "C4'" "H4'"  sing N N 93  
DC  "O4'" "C1'"  sing N N 94  
DC  "C3'" "O3'"  sing N N 95  
DC  "C3'" "C2'"  sing N N 96  
DC  "C3'" "H3'"  sing N N 97  
DC  "O3'" "HO3'" sing N N 98  
DC  "C2'" "C1'"  sing N N 99  
DC  "C2'" "H2'"  sing N N 100 
DC  "C2'" "H2''" sing N N 101 
DC  "C1'" N1     sing N N 102 
DC  "C1'" "H1'"  sing N N 103 
DC  N1    C2     sing N N 104 
DC  N1    C6     sing N N 105 
DC  C2    O2     doub N N 106 
DC  C2    N3     sing N N 107 
DC  N3    C4     doub N N 108 
DC  C4    N4     sing N N 109 
DC  C4    C5     sing N N 110 
DC  N4    H41    sing N N 111 
DC  N4    H42    sing N N 112 
DC  C5    C6     doub N N 113 
DC  C5    H5     sing N N 114 
DC  C6    H6     sing N N 115 
DG  OP3   P      sing N N 116 
DG  OP3   HOP3   sing N N 117 
DG  P     OP1    doub N N 118 
DG  P     OP2    sing N N 119 
DG  P     "O5'"  sing N N 120 
DG  OP2   HOP2   sing N N 121 
DG  "O5'" "C5'"  sing N N 122 
DG  "C5'" "C4'"  sing N N 123 
DG  "C5'" "H5'"  sing N N 124 
DG  "C5'" "H5''" sing N N 125 
DG  "C4'" "O4'"  sing N N 126 
DG  "C4'" "C3'"  sing N N 127 
DG  "C4'" "H4'"  sing N N 128 
DG  "O4'" "C1'"  sing N N 129 
DG  "C3'" "O3'"  sing N N 130 
DG  "C3'" "C2'"  sing N N 131 
DG  "C3'" "H3'"  sing N N 132 
DG  "O3'" "HO3'" sing N N 133 
DG  "C2'" "C1'"  sing N N 134 
DG  "C2'" "H2'"  sing N N 135 
DG  "C2'" "H2''" sing N N 136 
DG  "C1'" N9     sing N N 137 
DG  "C1'" "H1'"  sing N N 138 
DG  N9    C8     sing Y N 139 
DG  N9    C4     sing Y N 140 
DG  C8    N7     doub Y N 141 
DG  C8    H8     sing N N 142 
DG  N7    C5     sing Y N 143 
DG  C5    C6     sing N N 144 
DG  C5    C4     doub Y N 145 
DG  C6    O6     doub N N 146 
DG  C6    N1     sing N N 147 
DG  N1    C2     sing N N 148 
DG  N1    H1     sing N N 149 
DG  C2    N2     sing N N 150 
DG  C2    N3     doub N N 151 
DG  N2    H21    sing N N 152 
DG  N2    H22    sing N N 153 
DG  N3    C4     sing N N 154 
DT  OP3   P      sing N N 155 
DT  OP3   HOP3   sing N N 156 
DT  P     OP1    doub N N 157 
DT  P     OP2    sing N N 158 
DT  P     "O5'"  sing N N 159 
DT  OP2   HOP2   sing N N 160 
DT  "O5'" "C5'"  sing N N 161 
DT  "C5'" "C4'"  sing N N 162 
DT  "C5'" "H5'"  sing N N 163 
DT  "C5'" "H5''" sing N N 164 
DT  "C4'" "O4'"  sing N N 165 
DT  "C4'" "C3'"  sing N N 166 
DT  "C4'" "H4'"  sing N N 167 
DT  "O4'" "C1'"  sing N N 168 
DT  "C3'" "O3'"  sing N N 169 
DT  "C3'" "C2'"  sing N N 170 
DT  "C3'" "H3'"  sing N N 171 
DT  "O3'" "HO3'" sing N N 172 
DT  "C2'" "C1'"  sing N N 173 
DT  "C2'" "H2'"  sing N N 174 
DT  "C2'" "H2''" sing N N 175 
DT  "C1'" N1     sing N N 176 
DT  "C1'" "H1'"  sing N N 177 
DT  N1    C2     sing N N 178 
DT  N1    C6     sing N N 179 
DT  C2    O2     doub N N 180 
DT  C2    N3     sing N N 181 
DT  N3    C4     sing N N 182 
DT  N3    H3     sing N N 183 
DT  C4    O4     doub N N 184 
DT  C4    C5     sing N N 185 
DT  C5    C7     sing N N 186 
DT  C5    C6     doub N N 187 
DT  C7    H71    sing N N 188 
DT  C7    H72    sing N N 189 
DT  C7    H73    sing N N 190 
DT  C6    H6     sing N N 191 
HOH O     H1     sing N N 192 
HOH O     H2     sing N N 193 
# 
loop_
_ndb_struct_conf_na.entry_id 
_ndb_struct_conf_na.feature 
457D 'double helix'        
457D 'b-form double helix' 
# 
loop_
_ndb_struct_na_base_pair.model_number 
_ndb_struct_na_base_pair.i_label_asym_id 
_ndb_struct_na_base_pair.i_label_comp_id 
_ndb_struct_na_base_pair.i_label_seq_id 
_ndb_struct_na_base_pair.i_symmetry 
_ndb_struct_na_base_pair.j_label_asym_id 
_ndb_struct_na_base_pair.j_label_comp_id 
_ndb_struct_na_base_pair.j_label_seq_id 
_ndb_struct_na_base_pair.j_symmetry 
_ndb_struct_na_base_pair.shear 
_ndb_struct_na_base_pair.stretch 
_ndb_struct_na_base_pair.stagger 
_ndb_struct_na_base_pair.buckle 
_ndb_struct_na_base_pair.propeller 
_ndb_struct_na_base_pair.opening 
_ndb_struct_na_base_pair.pair_number 
_ndb_struct_na_base_pair.pair_name 
_ndb_struct_na_base_pair.i_auth_asym_id 
_ndb_struct_na_base_pair.i_auth_seq_id 
_ndb_struct_na_base_pair.i_PDB_ins_code 
_ndb_struct_na_base_pair.j_auth_asym_id 
_ndb_struct_na_base_pair.j_auth_seq_id 
_ndb_struct_na_base_pair.j_PDB_ins_code 
_ndb_struct_na_base_pair.hbond_type_28 
_ndb_struct_na_base_pair.hbond_type_12 
1 A DC  1  1_555 B DG  12 1_555 0.355  -0.181 -0.559 6.872   -15.161 1.263  1  A_DC1:DG24_B  A 1  ? B 24 ? 19 1 
1 A DG  2  1_555 B DC  11 1_555 -0.334 -0.217 0.790  15.102  -6.078  -3.282 2  A_DG2:DC23_B  A 2  ? B 23 ? 19 1 
1 A DC  3  1_555 B DG  10 1_555 -0.044 -0.191 0.303  -7.300  -1.704  -2.435 3  A_DC3:DG22_B  A 3  ? B 22 ? 19 1 
1 A DG  4  1_555 B DC  9  1_555 -0.364 -0.192 0.103  13.315  -5.402  0.614  4  A_DG4:DC21_B  A 4  ? B 21 ? 19 1 
1 A A47 5  1_555 B DT  8  1_555 0.106  0.142  0.406  6.318   -12.978 0.598  5  A_A475:DT20_B A 5  ? B 20 ? 20 1 
1 A DA  6  1_555 B DT  7  1_555 0.219  -0.125 0.150  -0.482  -16.350 1.707  6  A_DA6:DT19_B  A 6  ? B 19 ? 20 1 
1 A DT  7  1_555 B DA  6  1_555 -0.027 -0.092 0.142  0.786   -23.153 2.012  7  A_DT7:DA18_B  A 7  ? B 18 ? 20 1 
1 A DT  8  1_555 B A47 5  1_555 0.457  -0.147 -0.193 -0.935  -19.531 6.783  8  A_DT8:A4717_B A 8  ? B 17 ? 20 1 
1 A DC  9  1_555 B DG  4  1_555 0.556  -0.244 -0.038 -10.179 -5.769  1.148  9  A_DC9:DG16_B  A 9  ? B 16 ? 19 1 
1 A DG  10 1_555 B DC  3  1_555 0.322  -0.138 0.634  12.817  -6.042  -0.805 10 A_DG10:DC15_B A 10 ? B 15 ? 19 1 
1 A DC  11 1_555 B DG  2  1_555 0.310  -0.083 0.191  3.694   -13.511 -1.680 11 A_DC11:DG14_B A 11 ? B 14 ? 19 1 
1 A DG  12 1_555 B DC  1  1_555 -0.177 -0.252 0.871  6.829   -10.172 -4.514 12 A_DG12:DC13_B A 12 ? B 13 ? 19 1 
# 
loop_
_ndb_struct_na_base_pair_step.model_number 
_ndb_struct_na_base_pair_step.i_label_asym_id_1 
_ndb_struct_na_base_pair_step.i_label_comp_id_1 
_ndb_struct_na_base_pair_step.i_label_seq_id_1 
_ndb_struct_na_base_pair_step.i_symmetry_1 
_ndb_struct_na_base_pair_step.j_label_asym_id_1 
_ndb_struct_na_base_pair_step.j_label_comp_id_1 
_ndb_struct_na_base_pair_step.j_label_seq_id_1 
_ndb_struct_na_base_pair_step.j_symmetry_1 
_ndb_struct_na_base_pair_step.i_label_asym_id_2 
_ndb_struct_na_base_pair_step.i_label_comp_id_2 
_ndb_struct_na_base_pair_step.i_label_seq_id_2 
_ndb_struct_na_base_pair_step.i_symmetry_2 
_ndb_struct_na_base_pair_step.j_label_asym_id_2 
_ndb_struct_na_base_pair_step.j_label_comp_id_2 
_ndb_struct_na_base_pair_step.j_label_seq_id_2 
_ndb_struct_na_base_pair_step.j_symmetry_2 
_ndb_struct_na_base_pair_step.shift 
_ndb_struct_na_base_pair_step.slide 
_ndb_struct_na_base_pair_step.rise 
_ndb_struct_na_base_pair_step.tilt 
_ndb_struct_na_base_pair_step.roll 
_ndb_struct_na_base_pair_step.twist 
_ndb_struct_na_base_pair_step.x_displacement 
_ndb_struct_na_base_pair_step.y_displacement 
_ndb_struct_na_base_pair_step.helical_rise 
_ndb_struct_na_base_pair_step.inclination 
_ndb_struct_na_base_pair_step.tip 
_ndb_struct_na_base_pair_step.helical_twist 
_ndb_struct_na_base_pair_step.step_number 
_ndb_struct_na_base_pair_step.step_name 
_ndb_struct_na_base_pair_step.i_auth_asym_id_1 
_ndb_struct_na_base_pair_step.i_auth_seq_id_1 
_ndb_struct_na_base_pair_step.i_PDB_ins_code_1 
_ndb_struct_na_base_pair_step.j_auth_asym_id_1 
_ndb_struct_na_base_pair_step.j_auth_seq_id_1 
_ndb_struct_na_base_pair_step.j_PDB_ins_code_1 
_ndb_struct_na_base_pair_step.i_auth_asym_id_2 
_ndb_struct_na_base_pair_step.i_auth_seq_id_2 
_ndb_struct_na_base_pair_step.i_PDB_ins_code_2 
_ndb_struct_na_base_pair_step.j_auth_asym_id_2 
_ndb_struct_na_base_pair_step.j_auth_seq_id_2 
_ndb_struct_na_base_pair_step.j_PDB_ins_code_2 
1 A DC  1  1_555 B DG  12 1_555 A DG  2  1_555 B DC  11 1_555 -0.044 0.171  3.065 -11.476 7.906   30.737 -0.928 -1.700 2.858 
14.046  20.386 33.679 1  AA_DC1DG2:DC23DG24_BB   A 1  ? B 24 ? A 2  ? B 23 ? 
1 A DG  2  1_555 B DC  11 1_555 A DC  3  1_555 B DG  10 1_555 0.473  0.262  3.934 5.679   -6.963  40.433 1.271  0.065  3.868 
-9.927  -8.096 41.378 2  AA_DG2DC3:DG22DC23_BB   A 2  ? B 23 ? A 3  ? B 22 ? 
1 A DC  3  1_555 B DG  10 1_555 A DG  4  1_555 B DC  9  1_555 0.067  0.627  2.859 3.913   9.843   28.265 -0.618 0.596  2.893 
19.320  -7.680 30.146 3  AA_DC3DG4:DC21DG22_BB   A 3  ? B 22 ? A 4  ? B 21 ? 
1 A DG  4  1_555 B DC  9  1_555 A A47 5  1_555 B DT  8  1_555 -0.023 -0.852 3.465 -3.695  -1.021  38.919 -1.143 -0.437 3.473 
-1.528  5.529  39.100 4  AA_DG4A475:DT20DC21_BB  A 4  ? B 21 ? A 5  ? B 20 ? 
1 A A47 5  1_555 B DT  8  1_555 A DA  6  1_555 B DT  7  1_555 -0.029 -0.413 3.377 3.285   -0.051  37.553 -0.633 0.484  3.363 
-0.080  -5.091 37.691 5  AA_A475DA6:DT19DT20_BB  A 5  ? B 20 ? A 6  ? B 19 ? 
1 A DA  6  1_555 B DT  7  1_555 A DT  7  1_555 B DA  6  1_555 -0.129 -0.762 3.118 0.552   -2.777  33.376 -0.882 0.312  3.167 
-4.825  -0.959 33.493 6  AA_DA6DT7:DA18DT19_BB   A 6  ? B 19 ? A 7  ? B 18 ? 
1 A DT  7  1_555 B DA  6  1_555 A DT  8  1_555 B A47 5  1_555 0.064  -0.286 3.204 2.258   -1.076  34.567 -0.318 0.233  3.208 
-1.809  -3.794 34.655 7  AA_DT7DT8:A4717DA18_BB  A 7  ? B 18 ? A 8  ? B 17 ? 
1 A DT  8  1_555 B A47 5  1_555 A DC  9  1_555 B DG  4  1_555 -0.346 -0.271 3.525 -2.366  -3.039  42.683 -0.043 0.218  3.549 
-4.165  3.242  42.848 8  AA_DT8DC9:DG16A4717_BB  A 8  ? B 17 ? A 9  ? B 16 ? 
1 A DC  9  1_555 B DG  4  1_555 A DG  10 1_555 B DC  3  1_555 0.288  0.438  2.875 -5.252  4.012   24.468 -0.026 -1.997 2.788 9.251 
12.112 25.332 9  AA_DC9DG10:DC15DG16_BB  A 9  ? B 16 ? A 10 ? B 15 ? 
1 A DG  10 1_555 B DC  3  1_555 A DC  11 1_555 B DG  2  1_555 -1.193 0.287  3.686 -0.186  -15.845 38.083 2.326  1.676  3.322 
-23.101 0.271  41.135 10 AA_DG10DC11:DG14DC15_BB A 10 ? B 15 ? A 11 ? B 14 ? 
1 A DC  11 1_555 B DG  2  1_555 A DG  12 1_555 B DC  1  1_555 0.099  0.141  3.214 -4.013  2.879   35.411 -0.179 -0.730 3.186 4.704 
6.558  35.743 11 AA_DC11DG12:DC13DG14_BB A 11 ? B 14 ? A 12 ? B 13 ? 
# 
_atom_sites.entry_id                    457D 
_atom_sites.fract_transf_matrix[1][1]   0.03178277 
_atom_sites.fract_transf_matrix[1][2]   -0.00274555 
_atom_sites.fract_transf_matrix[1][3]   -0.02439720 
_atom_sites.fract_transf_matrix[2][1]   0.01532423 
_atom_sites.fract_transf_matrix[2][2]   -0.00129801 
_atom_sites.fract_transf_matrix[2][3]   0.02010928 
_atom_sites.fract_transf_matrix[3][1]   -0.00129081 
_atom_sites.fract_transf_matrix[3][2]   -0.01505074 
_atom_sites.fract_transf_matrix[3][3]   0.00001217 
_atom_sites.fract_transf_vector[1]      0.591194 
_atom_sites.fract_transf_vector[2]      0.521666 
_atom_sites.fract_transf_vector[3]      0.140645 
# 
loop_
_atom_type.symbol 
C  
MG 
N  
O  
P  
# 
loop_
_atom_site.group_PDB 
_atom_site.id 
_atom_site.type_symbol 
_atom_site.label_atom_id 
_atom_site.label_alt_id 
_atom_site.label_comp_id 
_atom_site.label_asym_id 
_atom_site.label_entity_id 
_atom_site.label_seq_id 
_atom_site.pdbx_PDB_ins_code 
_atom_site.Cartn_x 
_atom_site.Cartn_y 
_atom_site.Cartn_z 
_atom_site.occupancy 
_atom_site.B_iso_or_equiv 
_atom_site.pdbx_formal_charge 
_atom_site.auth_seq_id 
_atom_site.auth_comp_id 
_atom_site.auth_asym_id 
_atom_site.auth_atom_id 
_atom_site.pdbx_PDB_model_num 
ATOM   1   O  "O5'" . DC  A 1 1  ? 11.211  -15.588 7.467   1.00 25.40 ? 1  DC  A "O5'" 1 
ATOM   2   C  "C5'" . DC  A 1 1  ? 9.926   -15.633 6.836   1.00 26.49 ? 1  DC  A "C5'" 1 
ATOM   3   C  "C4'" . DC  A 1 1  ? 10.059  -15.536 5.332   1.00 26.88 ? 1  DC  A "C4'" 1 
ATOM   4   O  "O4'" . DC  A 1 1  ? 8.856   -16.030 4.700   1.00 26.30 ? 1  DC  A "O4'" 1 
ATOM   5   C  "C3'" . DC  A 1 1  ? 10.232  -14.122 4.786   1.00 23.65 ? 1  DC  A "C3'" 1 
ATOM   6   O  "O3'" . DC  A 1 1  ? 10.844  -14.225 3.511   1.00 30.71 ? 1  DC  A "O3'" 1 
ATOM   7   C  "C2'" . DC  A 1 1  ? 8.794   -13.669 4.614   1.00 21.96 ? 1  DC  A "C2'" 1 
ATOM   8   C  "C1'" . DC  A 1 1  ? 8.141   -14.945 4.109   1.00 21.63 ? 1  DC  A "C1'" 1 
ATOM   9   N  N1    . DC  A 1 1  ? 6.725   -15.133 4.443   1.00 19.64 ? 1  DC  A N1    1 
ATOM   10  C  C2    . DC  A 1 1  ? 5.957   -15.950 3.603   1.00 11.85 ? 1  DC  A C2    1 
ATOM   11  O  O2    . DC  A 1 1  ? 6.499   -16.463 2.613   1.00 14.79 ? 1  DC  A O2    1 
ATOM   12  N  N3    . DC  A 1 1  ? 4.666   -16.164 3.888   1.00 11.44 ? 1  DC  A N3    1 
ATOM   13  C  C4    . DC  A 1 1  ? 4.126   -15.607 4.965   1.00 11.55 ? 1  DC  A C4    1 
ATOM   14  N  N4    . DC  A 1 1  ? 2.843   -15.873 5.217   1.00 11.61 ? 1  DC  A N4    1 
ATOM   15  C  C5    . DC  A 1 1  ? 4.881   -14.753 5.839   1.00 16.29 ? 1  DC  A C5    1 
ATOM   16  C  C6    . DC  A 1 1  ? 6.165   -14.546 5.538   1.00 9.67  ? 1  DC  A C6    1 
ATOM   17  P  P     . DG  A 1 2  ? 11.769  -13.039 2.970   1.00 42.97 ? 2  DG  A P     1 
ATOM   18  O  OP1   . DG  A 1 2  ? 13.149  -13.588 2.921   1.00 40.40 ? 2  DG  A OP1   1 
ATOM   19  O  OP2   . DG  A 1 2  ? 11.491  -11.779 3.731   1.00 39.90 ? 2  DG  A OP2   1 
ATOM   20  O  "O5'" . DG  A 1 2  ? 11.249  -12.787 1.483   1.00 38.26 ? 2  DG  A "O5'" 1 
ATOM   21  C  "C5'" . DG  A 1 2  ? 10.947  -13.863 0.592   1.00 30.57 ? 2  DG  A "C5'" 1 
ATOM   22  C  "C4'" . DG  A 1 2  ? 9.850   -13.449 -0.368  1.00 27.88 ? 2  DG  A "C4'" 1 
ATOM   23  O  "O4'" . DG  A 1 2  ? 8.542   -13.702 0.195   1.00 25.10 ? 2  DG  A "O4'" 1 
ATOM   24  C  "C3'" . DG  A 1 2  ? 9.846   -11.971 -0.783  1.00 29.06 ? 2  DG  A "C3'" 1 
ATOM   25  O  "O3'" . DG  A 1 2  ? 9.529   -11.878 -2.176  1.00 36.50 ? 2  DG  A "O3'" 1 
ATOM   26  C  "C2'" . DG  A 1 2  ? 8.690   -11.400 0.024   1.00 25.39 ? 2  DG  A "C2'" 1 
ATOM   27  C  "C1'" . DG  A 1 2  ? 7.730   -12.565 -0.030  1.00 22.48 ? 2  DG  A "C1'" 1 
ATOM   28  N  N9    . DG  A 1 2  ? 6.667   -12.572 0.966   1.00 16.91 ? 2  DG  A N9    1 
ATOM   29  C  C8    . DG  A 1 2  ? 6.715   -12.112 2.258   1.00 16.70 ? 2  DG  A C8    1 
ATOM   30  N  N7    . DG  A 1 2  ? 5.591   -12.290 2.909   1.00 15.63 ? 2  DG  A N7    1 
ATOM   31  C  C5    . DG  A 1 2  ? 4.752   -12.899 1.987   1.00 17.74 ? 2  DG  A C5    1 
ATOM   32  C  C6    . DG  A 1 2  ? 3.410   -13.336 2.110   1.00 18.17 ? 2  DG  A C6    1 
ATOM   33  O  O6    . DG  A 1 2  ? 2.668   -13.268 3.091   1.00 19.85 ? 2  DG  A O6    1 
ATOM   34  N  N1    . DG  A 1 2  ? 2.942   -13.901 0.928   1.00 17.09 ? 2  DG  A N1    1 
ATOM   35  C  C2    . DG  A 1 2  ? 3.669   -14.024 -0.228  1.00 18.90 ? 2  DG  A C2    1 
ATOM   36  N  N2    . DG  A 1 2  ? 3.042   -14.601 -1.267  1.00 19.20 ? 2  DG  A N2    1 
ATOM   37  N  N3    . DG  A 1 2  ? 4.919   -13.617 -0.361  1.00 23.34 ? 2  DG  A N3    1 
ATOM   38  C  C4    . DG  A 1 2  ? 5.397   -13.072 0.780   1.00 21.01 ? 2  DG  A C4    1 
ATOM   39  P  P     . DC  A 1 3  ? 9.982   -10.589 -3.022  1.00 36.96 ? 3  DC  A P     1 
ATOM   40  O  OP1   . DC  A 1 3  ? 11.448  -10.694 -3.234  1.00 35.65 ? 3  DC  A OP1   1 
ATOM   41  O  OP2   . DC  A 1 3  ? 9.407   -9.391  -2.362  1.00 33.13 ? 3  DC  A OP2   1 
ATOM   42  O  "O5'" . DC  A 1 3  ? 9.255   -10.775 -4.427  1.00 35.77 ? 3  DC  A "O5'" 1 
ATOM   43  C  "C5'" . DC  A 1 3  ? 8.543   -11.972 -4.734  1.00 33.17 ? 3  DC  A "C5'" 1 
ATOM   44  C  "C4'" . DC  A 1 3  ? 7.054   -11.710 -4.787  1.00 31.12 ? 3  DC  A "C4'" 1 
ATOM   45  O  "O4'" . DC  A 1 3  ? 6.483   -11.773 -3.470  1.00 31.78 ? 3  DC  A "O4'" 1 
ATOM   46  C  "C3'" . DC  A 1 3  ? 6.615   -10.358 -5.339  1.00 32.08 ? 3  DC  A "C3'" 1 
ATOM   47  O  "O3'" . DC  A 1 3  ? 6.273   -10.503 -6.711  1.00 37.51 ? 3  DC  A "O3'" 1 
ATOM   48  C  "C2'" . DC  A 1 3  ? 5.364   -10.010 -4.543  1.00 30.82 ? 3  DC  A "C2'" 1 
ATOM   49  C  "C1'" . DC  A 1 3  ? 5.228   -11.120 -3.510  1.00 28.83 ? 3  DC  A "C1'" 1 
ATOM   50  N  N1    . DC  A 1 3  ? 4.932   -10.631 -2.154  1.00 26.37 ? 3  DC  A N1    1 
ATOM   51  C  C2    . DC  A 1 3  ? 3.651   -10.796 -1.649  1.00 24.97 ? 3  DC  A C2    1 
ATOM   52  O  O2    . DC  A 1 3  ? 2.793   -11.328 -2.366  1.00 25.82 ? 3  DC  A O2    1 
ATOM   53  N  N3    . DC  A 1 3  ? 3.371   -10.364 -0.393  1.00 25.92 ? 3  DC  A N3    1 
ATOM   54  C  C4    . DC  A 1 3  ? 4.322   -9.777  0.339   1.00 20.12 ? 3  DC  A C4    1 
ATOM   55  N  N4    . DC  A 1 3  ? 4.001   -9.379  1.576   1.00 17.93 ? 3  DC  A N4    1 
ATOM   56  C  C5    . DC  A 1 3  ? 5.637   -9.580  -0.158  1.00 24.76 ? 3  DC  A C5    1 
ATOM   57  C  C6    . DC  A 1 3  ? 5.899   -10.021 -1.397  1.00 27.75 ? 3  DC  A C6    1 
ATOM   58  P  P     . DG  A 1 4  ? 5.982   -9.200  -7.603  1.00 40.28 ? 4  DG  A P     1 
ATOM   59  O  OP1   . DG  A 1 4  ? 6.297   -9.614  -8.995  1.00 43.45 ? 4  DG  A OP1   1 
ATOM   60  O  OP2   . DG  A 1 4  ? 6.650   -8.010  -7.014  1.00 39.69 ? 4  DG  A OP2   1 
ATOM   61  O  "O5'" . DG  A 1 4  ? 4.415   -9.000  -7.473  1.00 31.18 ? 4  DG  A "O5'" 1 
ATOM   62  C  "C5'" . DG  A 1 4  ? 3.524   -9.995  -7.938  1.00 28.58 ? 4  DG  A "C5'" 1 
ATOM   63  C  "C4'" . DG  A 1 4  ? 2.104   -9.562  -7.680  1.00 28.77 ? 4  DG  A "C4'" 1 
ATOM   64  O  "O4'" . DG  A 1 4  ? 1.929   -9.434  -6.251  1.00 30.17 ? 4  DG  A "O4'" 1 
ATOM   65  C  "C3'" . DG  A 1 4  ? 1.737   -8.186  -8.234  1.00 28.36 ? 4  DG  A "C3'" 1 
ATOM   66  O  "O3'" . DG  A 1 4  ? 0.315   -8.109  -8.311  1.00 31.04 ? 4  DG  A "O3'" 1 
ATOM   67  C  "C2'" . DG  A 1 4  ? 2.168   -7.281  -7.104  1.00 26.22 ? 4  DG  A "C2'" 1 
ATOM   68  C  "C1'" . DG  A 1 4  ? 1.617   -8.079  -5.945  1.00 24.69 ? 4  DG  A "C1'" 1 
ATOM   69  N  N9    . DG  A 1 4  ? 2.193   -7.762  -4.645  1.00 21.26 ? 4  DG  A N9    1 
ATOM   70  C  C8    . DG  A 1 4  ? 3.451   -7.272  -4.380  1.00 18.82 ? 4  DG  A C8    1 
ATOM   71  N  N7    . DG  A 1 4  ? 3.662   -7.074  -3.105  1.00 19.68 ? 4  DG  A N7    1 
ATOM   72  C  C5    . DG  A 1 4  ? 2.476   -7.460  -2.498  1.00 16.78 ? 4  DG  A C5    1 
ATOM   73  C  C6    . DG  A 1 4  ? 2.110   -7.475  -1.135  1.00 19.41 ? 4  DG  A C6    1 
ATOM   74  O  O6    . DG  A 1 4  ? 2.783   -7.135  -0.152  1.00 23.63 ? 4  DG  A O6    1 
ATOM   75  N  N1    . DG  A 1 4  ? 0.815   -7.945  -0.962  1.00 16.41 ? 4  DG  A N1    1 
ATOM   76  C  C2    . DG  A 1 4  ? -0.025  -8.347  -1.978  1.00 11.06 ? 4  DG  A C2    1 
ATOM   77  N  N2    . DG  A 1 4  ? -1.252  -8.740  -1.612  1.00 14.32 ? 4  DG  A N2    1 
ATOM   78  N  N3    . DG  A 1 4  ? 0.311   -8.351  -3.250  1.00 12.06 ? 4  DG  A N3    1 
ATOM   79  C  C4    . DG  A 1 4  ? 1.563   -7.893  -3.438  1.00 16.72 ? 4  DG  A C4    1 
HETATM 80  P  P     . A47 A 1 5  ? -0.378  -6.840  -8.980  1.00 37.63 ? 5  A47 A P     1 
HETATM 81  O  O1P   . A47 A 1 5  ? -0.618  -7.175  -10.409 1.00 35.96 ? 5  A47 A O1P   1 
HETATM 82  O  O2P   . A47 A 1 5  ? 0.396   -5.619  -8.625  1.00 38.76 ? 5  A47 A O2P   1 
HETATM 83  O  "O5'" . A47 A 1 5  ? -1.776  -6.725  -8.233  1.00 32.94 ? 5  A47 A "O5'" 1 
HETATM 84  C  "C5'" . A47 A 1 5  ? -2.498  -7.875  -7.828  1.00 28.01 ? 5  A47 A "C5'" 1 
HETATM 85  C  "C4'" . A47 A 1 5  ? -3.277  -7.556  -6.574  1.00 28.87 ? 5  A47 A "C4'" 1 
HETATM 86  O  "O4'" . A47 A 1 5  ? -2.334  -7.284  -5.507  1.00 27.69 ? 5  A47 A "O4'" 1 
HETATM 87  C  "C3'" . A47 A 1 5  ? -4.169  -6.318  -6.681  1.00 27.83 ? 5  A47 A "C3'" 1 
HETATM 88  O  "O3'" . A47 A 1 5  ? -5.494  -6.646  -6.247  1.00 26.28 ? 5  A47 A "O3'" 1 
HETATM 89  C  "C2'" . A47 A 1 5  ? -3.500  -5.293  -5.767  1.00 26.36 ? 5  A47 A "C2'" 1 
HETATM 90  C  "C1'" . A47 A 1 5  ? -2.747  -6.155  -4.767  1.00 18.78 ? 5  A47 A "C1'" 1 
HETATM 91  N  N9    . A47 A 1 5  ? -1.543  -5.558  -4.164  1.00 13.51 ? 5  A47 A N9    1 
HETATM 92  C  C8    . A47 A 1 5  ? -0.369  -5.211  -4.787  1.00 4.95  ? 5  A47 A C8    1 
HETATM 93  N  N7    . A47 A 1 5  ? 0.534   -4.717  -3.979  1.00 5.14  ? 5  A47 A N7    1 
HETATM 94  C  C5    . A47 A 1 5  ? -0.086  -4.741  -2.738  1.00 8.42  ? 5  A47 A C5    1 
HETATM 95  C  C6    . A47 A 1 5  ? 0.354   -4.356  -1.458  1.00 13.85 ? 5  A47 A C6    1 
HETATM 96  N  N6    . A47 A 1 5  ? 1.618   -3.793  -1.210  1.00 13.68 ? 5  A47 A N6    1 
HETATM 97  N  N1    . A47 A 1 5  ? -0.502  -4.518  -0.421  1.00 10.80 ? 5  A47 A N1    1 
HETATM 98  C  C2    . A47 A 1 5  ? -1.717  -5.033  -0.668  1.00 14.21 ? 5  A47 A C2    1 
HETATM 99  N  N3    . A47 A 1 5  ? -2.245  -5.427  -1.830  1.00 13.78 ? 5  A47 A N3    1 
HETATM 100 C  C4    . A47 A 1 5  ? -1.364  -5.252  -2.835  1.00 9.66  ? 5  A47 A C4    1 
HETATM 101 O  O1    . A47 A 1 5  ? 2.409   -3.694  -2.396  1.00 18.14 ? 5  A47 A O1    1 
HETATM 102 C  C1    . A47 A 1 5  ? 3.457   -2.850  -2.186  1.00 26.14 ? 5  A47 A C1    1 
ATOM   103 P  P     . DA  A 1 6  ? -6.707  -5.628  -6.530  1.00 28.65 ? 6  DA  A P     1 
ATOM   104 O  OP1   . DA  A 1 6  ? -7.941  -6.413  -6.767  1.00 32.28 ? 6  DA  A OP1   1 
ATOM   105 O  OP2   . DA  A 1 6  ? -6.259  -4.639  -7.548  1.00 28.27 ? 6  DA  A OP2   1 
ATOM   106 O  "O5'" . DA  A 1 6  ? -6.906  -4.909  -5.128  1.00 28.69 ? 6  DA  A "O5'" 1 
ATOM   107 C  "C5'" . DA  A 1 6  ? -7.082  -5.680  -3.946  1.00 28.91 ? 6  DA  A "C5'" 1 
ATOM   108 C  "C4'" . DA  A 1 6  ? -7.015  -4.792  -2.725  1.00 28.36 ? 6  DA  A "C4'" 1 
ATOM   109 O  "O4'" . DA  A 1 6  ? -5.660  -4.401  -2.422  1.00 27.35 ? 6  DA  A "O4'" 1 
ATOM   110 C  "C3'" . DA  A 1 6  ? -7.824  -3.503  -2.830  1.00 26.00 ? 6  DA  A "C3'" 1 
ATOM   111 O  "O3'" . DA  A 1 6  ? -8.790  -3.500  -1.793  1.00 25.92 ? 6  DA  A "O3'" 1 
ATOM   112 C  "C2'" . DA  A 1 6  ? -6.809  -2.381  -2.654  1.00 27.86 ? 6  DA  A "C2'" 1 
ATOM   113 C  "C1'" . DA  A 1 6  ? -5.631  -3.057  -1.981  1.00 23.08 ? 6  DA  A "C1'" 1 
ATOM   114 N  N9    . DA  A 1 6  ? -4.309  -2.532  -2.323  1.00 18.05 ? 6  DA  A N9    1 
ATOM   115 C  C8    . DA  A 1 6  ? -3.734  -2.416  -3.561  1.00 11.11 ? 6  DA  A C8    1 
ATOM   116 N  N7    . DA  A 1 6  ? -2.499  -1.972  -3.528  1.00 15.31 ? 6  DA  A N7    1 
ATOM   117 C  C5    . DA  A 1 6  ? -2.253  -1.767  -2.174  1.00 11.29 ? 6  DA  A C5    1 
ATOM   118 C  C6    . DA  A 1 6  ? -1.121  -1.314  -1.475  1.00 9.45  ? 6  DA  A C6    1 
ATOM   119 N  N6    . DA  A 1 6  ? 0.006   -0.964  -2.069  1.00 7.52  ? 6  DA  A N6    1 
ATOM   120 N  N1    . DA  A 1 6  ? -1.194  -1.235  -0.130  1.00 4.49  ? 6  DA  A N1    1 
ATOM   121 C  C2    . DA  A 1 6  ? -2.333  -1.586  0.467   1.00 8.08  ? 6  DA  A C2    1 
ATOM   122 N  N3    . DA  A 1 6  ? -3.473  -2.022  -0.082  1.00 16.50 ? 6  DA  A N3    1 
ATOM   123 C  C4    . DA  A 1 6  ? -3.360  -2.094  -1.423  1.00 16.16 ? 6  DA  A C4    1 
ATOM   124 P  P     . DT  A 1 7  ? -9.597  -2.165  -1.478  1.00 29.83 ? 7  DT  A P     1 
ATOM   125 O  OP1   . DT  A 1 7  ? -10.872 -2.545  -0.818  1.00 29.67 ? 7  DT  A OP1   1 
ATOM   126 O  OP2   . DT  A 1 7  ? -9.627  -1.321  -2.700  1.00 33.36 ? 7  DT  A OP2   1 
ATOM   127 O  "O5'" . DT  A 1 7  ? -8.649  -1.467  -0.414  1.00 30.40 ? 7  DT  A "O5'" 1 
ATOM   128 C  "C5'" . DT  A 1 7  ? -8.411  -2.070  0.850   1.00 25.01 ? 7  DT  A "C5'" 1 
ATOM   129 C  "C4'" . DT  A 1 7  ? -7.683  -1.098  1.742   1.00 20.08 ? 7  DT  A "C4'" 1 
ATOM   130 O  "O4'" . DT  A 1 7  ? -6.398  -0.833  1.151   1.00 21.93 ? 7  DT  A "O4'" 1 
ATOM   131 C  "C3'" . DT  A 1 7  ? -8.388  0.253   1.876   1.00 20.55 ? 7  DT  A "C3'" 1 
ATOM   132 O  "O3'" . DT  A 1 7  ? -8.792  0.439   3.232   1.00 18.60 ? 7  DT  A "O3'" 1 
ATOM   133 C  "C2'" . DT  A 1 7  ? -7.373  1.282   1.399   1.00 20.16 ? 7  DT  A "C2'" 1 
ATOM   134 C  "C1'" . DT  A 1 7  ? -6.059  0.518   1.367   1.00 24.45 ? 7  DT  A "C1'" 1 
ATOM   135 N  N1    . DT  A 1 7  ? -5.098  0.906   0.313   1.00 21.90 ? 7  DT  A N1    1 
ATOM   136 C  C2    . DT  A 1 7  ? -3.819  1.255   0.704   1.00 19.42 ? 7  DT  A C2    1 
ATOM   137 O  O2    . DT  A 1 7  ? -3.461  1.287   1.869   1.00 15.70 ? 7  DT  A O2    1 
ATOM   138 N  N3    . DT  A 1 7  ? -2.976  1.570   -0.326  1.00 15.97 ? 7  DT  A N3    1 
ATOM   139 C  C4    . DT  A 1 7  ? -3.272  1.578   -1.673  1.00 20.08 ? 7  DT  A C4    1 
ATOM   140 O  O4    . DT  A 1 7  ? -2.403  1.884   -2.487  1.00 17.64 ? 7  DT  A O4    1 
ATOM   141 C  C5    . DT  A 1 7  ? -4.630  1.210   -2.011  1.00 18.74 ? 7  DT  A C5    1 
ATOM   142 C  C7    . DT  A 1 7  ? -5.036  1.182   -3.447  1.00 19.97 ? 7  DT  A C7    1 
ATOM   143 C  C6    . DT  A 1 7  ? -5.466  0.901   -1.013  1.00 23.14 ? 7  DT  A C6    1 
ATOM   144 P  P     . DT  A 1 8  ? -9.333  1.867   3.718   1.00 23.09 ? 8  DT  A P     1 
ATOM   145 O  OP1   . DT  A 1 8  ? -10.138 1.652   4.939   1.00 14.47 ? 8  DT  A OP1   1 
ATOM   146 O  OP2   . DT  A 1 8  ? -9.931  2.581   2.558   1.00 27.19 ? 8  DT  A OP2   1 
ATOM   147 O  "O5'" . DT  A 1 8  ? -8.005  2.657   4.102   1.00 29.67 ? 8  DT  A "O5'" 1 
ATOM   148 C  "C5'" . DT  A 1 8  ? -7.039  2.085   4.979   1.00 27.35 ? 8  DT  A "C5'" 1 
ATOM   149 C  "C4'" . DT  A 1 8  ? -5.861  3.015   5.139   1.00 24.30 ? 8  DT  A "C4'" 1 
ATOM   150 O  "O4'" . DT  A 1 8  ? -5.081  3.059   3.930   1.00 21.91 ? 8  DT  A "O4'" 1 
ATOM   151 C  "C3'" . DT  A 1 8  ? -6.178  4.469   5.505   1.00 24.49 ? 8  DT  A "C3'" 1 
ATOM   152 O  "O3'" . DT  A 1 8  ? -5.354  4.847   6.616   1.00 25.42 ? 8  DT  A "O3'" 1 
ATOM   153 C  "C2'" . DT  A 1 8  ? -5.783  5.250   4.263   1.00 20.12 ? 8  DT  A "C2'" 1 
ATOM   154 C  "C1'" . DT  A 1 8  ? -4.676  4.397   3.685   1.00 20.44 ? 8  DT  A "C1'" 1 
ATOM   155 N  N1    . DT  A 1 8  ? -4.470  4.535   2.230   1.00 22.98 ? 8  DT  A N1    1 
ATOM   156 C  C2    . DT  A 1 8  ? -3.201  4.751   1.766   1.00 21.99 ? 8  DT  A C2    1 
ATOM   157 O  O2    . DT  A 1 8  ? -2.235  4.865   2.507   1.00 29.71 ? 8  DT  A O2    1 
ATOM   158 N  N3    . DT  A 1 8  ? -3.099  4.825   0.394   1.00 22.45 ? 8  DT  A N3    1 
ATOM   159 C  C4    . DT  A 1 8  ? -4.133  4.701   -0.529  1.00 20.07 ? 8  DT  A C4    1 
ATOM   160 O  O4    . DT  A 1 8  ? -3.902  4.769   -1.734  1.00 18.10 ? 8  DT  A O4    1 
ATOM   161 C  C5    . DT  A 1 8  ? -5.430  4.484   0.035   1.00 23.59 ? 8  DT  A C5    1 
ATOM   162 C  C7    . DT  A 1 8  ? -6.599  4.323   -0.884  1.00 23.19 ? 8  DT  A C7    1 
ATOM   163 C  C6    . DT  A 1 8  ? -5.538  4.421   1.366   1.00 21.39 ? 8  DT  A C6    1 
ATOM   164 P  P     . DC  A 1 9  ? -5.521  6.293   7.296   1.00 22.82 ? 9  DC  A P     1 
ATOM   165 O  OP1   . DC  A 1 9  ? -5.603  6.028   8.749   1.00 26.86 ? 9  DC  A OP1   1 
ATOM   166 O  OP2   . DC  A 1 9  ? -6.584  7.080   6.649   1.00 25.46 ? 9  DC  A OP2   1 
ATOM   167 O  "O5'" . DC  A 1 9  ? -4.134  6.990   6.972   1.00 18.26 ? 9  DC  A "O5'" 1 
ATOM   168 C  "C5'" . DC  A 1 9  ? -3.131  6.286   6.261   1.00 20.66 ? 9  DC  A "C5'" 1 
ATOM   169 C  "C4'" . DC  A 1 9  ? -1.786  6.946   6.442   1.00 19.17 ? 9  DC  A "C4'" 1 
ATOM   170 O  "O4'" . DC  A 1 9  ? -1.196  7.129   5.138   1.00 19.01 ? 9  DC  A "O4'" 1 
ATOM   171 C  "C3'" . DC  A 1 9  ? -1.790  8.341   7.057   1.00 21.95 ? 9  DC  A "C3'" 1 
ATOM   172 O  "O3'" . DC  A 1 9  ? -0.470  8.610   7.552   1.00 27.88 ? 9  DC  A "O3'" 1 
ATOM   173 C  "C2'" . DC  A 1 9  ? -2.074  9.214   5.849   1.00 20.47 ? 9  DC  A "C2'" 1 
ATOM   174 C  "C1'" . DC  A 1 9  ? -1.373  8.474   4.710   1.00 20.07 ? 9  DC  A "C1'" 1 
ATOM   175 N  N1    . DC  A 1 9  ? -2.127  8.424   3.454   1.00 17.64 ? 9  DC  A N1    1 
ATOM   176 C  C2    . DC  A 1 9  ? -1.449  8.619   2.245   1.00 16.40 ? 9  DC  A C2    1 
ATOM   177 O  O2    . DC  A 1 9  ? -0.241  8.845   2.257   1.00 17.38 ? 9  DC  A O2    1 
ATOM   178 N  N3    . DC  A 1 9  ? -2.131  8.548   1.086   1.00 21.76 ? 9  DC  A N3    1 
ATOM   179 C  C4    . DC  A 1 9  ? -3.434  8.291   1.098   1.00 20.13 ? 9  DC  A C4    1 
ATOM   180 N  N4    . DC  A 1 9  ? -4.047  8.230   -0.076  1.00 25.12 ? 9  DC  A N4    1 
ATOM   181 C  C5    . DC  A 1 9  ? -4.160  8.089   2.311   1.00 20.77 ? 9  DC  A C5    1 
ATOM   182 C  C6    . DC  A 1 9  ? -3.472  8.169   3.460   1.00 19.35 ? 9  DC  A C6    1 
ATOM   183 P  P     . DG  A 1 10 ? -0.210  9.849   8.543   1.00 28.39 ? 10 DG  A P     1 
ATOM   184 O  OP1   . DG  A 1 10 ? 0.938   9.466   9.399   1.00 32.03 ? 10 DG  A OP1   1 
ATOM   185 O  OP2   . DG  A 1 10 ? -1.493  10.257  9.165   1.00 22.32 ? 10 DG  A OP2   1 
ATOM   186 O  "O5'" . DG  A 1 10 ? 0.269   11.018  7.580   1.00 28.54 ? 10 DG  A "O5'" 1 
ATOM   187 C  "C5'" . DG  A 1 10 ? 1.408   10.871  6.736   1.00 28.04 ? 10 DG  A "C5'" 1 
ATOM   188 C  "C4'" . DG  A 1 10 ? 1.448   12.004  5.733   1.00 30.35 ? 10 DG  A "C4'" 1 
ATOM   189 O  "O4'" . DG  A 1 10 ? 0.526   11.747  4.646   1.00 24.25 ? 10 DG  A "O4'" 1 
ATOM   190 C  "C3'" . DG  A 1 10 ? 1.025   13.358  6.314   1.00 27.36 ? 10 DG  A "C3'" 1 
ATOM   191 O  "O3'" . DG  A 1 10 ? 1.754   14.412  5.663   1.00 38.06 ? 10 DG  A "O3'" 1 
ATOM   192 C  "C2'" . DG  A 1 10 ? -0.437  13.424  5.921   1.00 23.56 ? 10 DG  A "C2'" 1 
ATOM   193 C  "C1'" . DG  A 1 10 ? -0.304  12.878  4.522   1.00 19.53 ? 10 DG  A "C1'" 1 
ATOM   194 N  N9    . DG  A 1 10 ? -1.497  12.504  3.771   1.00 15.48 ? 10 DG  A N9    1 
ATOM   195 C  C8    . DG  A 1 10 ? -2.771  12.227  4.219   1.00 13.87 ? 10 DG  A C8    1 
ATOM   196 N  N7    . DG  A 1 10 ? -3.600  11.944  3.247   1.00 13.98 ? 10 DG  A N7    1 
ATOM   197 C  C5    . DG  A 1 10 ? -2.819  12.036  2.098   1.00 14.43 ? 10 DG  A C5    1 
ATOM   198 C  C6    . DG  A 1 10 ? -3.147  11.831  0.736   1.00 14.44 ? 10 DG  A C6    1 
ATOM   199 O  O6    . DG  A 1 10 ? -4.246  11.537  0.242   1.00 19.74 ? 10 DG  A O6    1 
ATOM   200 N  N1    . DG  A 1 10 ? -2.037  12.012  -0.092  1.00 10.65 ? 10 DG  A N1    1 
ATOM   201 C  C2    . DG  A 1 10 ? -0.785  12.364  0.335   1.00 9.14  ? 10 DG  A C2    1 
ATOM   202 N  N2    . DG  A 1 10 ? 0.164   12.523  -0.601  1.00 11.58 ? 10 DG  A N2    1 
ATOM   203 N  N3    . DG  A 1 10 ? -0.473  12.557  1.591   1.00 15.92 ? 10 DG  A N3    1 
ATOM   204 C  C4    . DG  A 1 10 ? -1.527  12.376  2.412   1.00 15.24 ? 10 DG  A C4    1 
ATOM   205 P  P     . DC  A 1 11 ? 2.911   15.205  6.462   1.00 42.51 ? 11 DC  A P     1 
ATOM   206 O  OP1   . DC  A 1 11 ? 3.422   14.254  7.478   1.00 42.30 ? 11 DC  A OP1   1 
ATOM   207 O  OP2   . DC  A 1 11 ? 2.402   16.528  6.899   1.00 39.46 ? 11 DC  A OP2   1 
ATOM   208 O  "O5'" . DC  A 1 11 ? 4.041   15.427  5.364   1.00 31.82 ? 11 DC  A "O5'" 1 
ATOM   209 C  "C5'" . DC  A 1 11 ? 4.688   14.308  4.761   1.00 31.30 ? 11 DC  A "C5'" 1 
ATOM   210 C  "C4'" . DC  A 1 11 ? 4.851   14.521  3.271   1.00 28.95 ? 11 DC  A "C4'" 1 
ATOM   211 O  "O4'" . DC  A 1 11 ? 3.586   14.382  2.579   1.00 32.56 ? 11 DC  A "O4'" 1 
ATOM   212 C  "C3'" . DC  A 1 11 ? 5.399   15.869  2.814   1.00 25.43 ? 11 DC  A "C3'" 1 
ATOM   213 O  "O3'" . DC  A 1 11 ? 6.092   15.638  1.591   1.00 24.73 ? 11 DC  A "O3'" 1 
ATOM   214 C  "C2'" . DC  A 1 11 ? 4.129   16.661  2.547   1.00 24.91 ? 11 DC  A "C2'" 1 
ATOM   215 C  "C1'" . DC  A 1 11 ? 3.276   15.593  1.885   1.00 21.68 ? 11 DC  A "C1'" 1 
ATOM   216 N  N1    . DC  A 1 11 ? 1.810   15.748  1.926   1.00 16.81 ? 11 DC  A N1    1 
ATOM   217 C  C2    . DC  A 1 11 ? 1.097   15.596  0.727   1.00 11.75 ? 11 DC  A C2    1 
ATOM   218 O  O2    . DC  A 1 11 ? 1.737   15.411  -0.331  1.00 10.03 ? 11 DC  A O2    1 
ATOM   219 N  N3    . DC  A 1 11 ? -0.250  15.654  0.750   1.00 5.05  ? 11 DC  A N3    1 
ATOM   220 C  C4    . DC  A 1 11 ? -0.891  15.866  1.901   1.00 8.86  ? 11 DC  A C4    1 
ATOM   221 N  N4    . DC  A 1 11 ? -2.221  15.895  1.869   1.00 11.33 ? 11 DC  A N4    1 
ATOM   222 C  C5    . DC  A 1 11 ? -0.195  16.056  3.136   1.00 8.37  ? 11 DC  A C5    1 
ATOM   223 C  C6    . DC  A 1 11 ? 1.144   15.994  3.101   1.00 9.64  ? 11 DC  A C6    1 
ATOM   224 P  P     . DG  A 1 12 ? 7.436   16.445  1.269   1.00 29.36 ? 12 DG  A P     1 
ATOM   225 O  OP1   . DG  A 1 12 ? 8.416   15.515  0.637   1.00 25.00 ? 12 DG  A OP1   1 
ATOM   226 O  OP2   . DG  A 1 12 ? 7.816   17.186  2.495   1.00 33.24 ? 12 DG  A OP2   1 
ATOM   227 O  "O5'" . DG  A 1 12 ? 6.976   17.521  0.185   1.00 29.52 ? 12 DG  A "O5'" 1 
ATOM   228 C  "C5'" . DG  A 1 12 ? 6.964   17.212  -1.203  1.00 25.21 ? 12 DG  A "C5'" 1 
ATOM   229 C  "C4'" . DG  A 1 12 ? 6.013   18.142  -1.917  1.00 26.12 ? 12 DG  A "C4'" 1 
ATOM   230 O  "O4'" . DG  A 1 12 ? 4.693   17.955  -1.378  1.00 29.75 ? 12 DG  A "O4'" 1 
ATOM   231 C  "C3'" . DG  A 1 12 ? 6.309   19.623  -1.693  1.00 23.16 ? 12 DG  A "C3'" 1 
ATOM   232 O  "O3'" . DG  A 1 12 ? 7.229   20.083  -2.683  1.00 23.15 ? 12 DG  A "O3'" 1 
ATOM   233 C  "C2'" . DG  A 1 12 ? 4.932   20.280  -1.675  1.00 24.88 ? 12 DG  A "C2'" 1 
ATOM   234 C  "C1'" . DG  A 1 12 ? 3.943   19.113  -1.696  1.00 22.47 ? 12 DG  A "C1'" 1 
ATOM   235 N  N9    . DG  A 1 12 ? 2.799   19.178  -0.788  1.00 15.87 ? 12 DG  A N9    1 
ATOM   236 C  C8    . DG  A 1 12 ? 2.799   19.306  0.582   1.00 14.02 ? 12 DG  A C8    1 
ATOM   237 N  N7    . DG  A 1 12 ? 1.592   19.311  1.097   1.00 18.61 ? 12 DG  A N7    1 
ATOM   238 C  C5    . DG  A 1 12 ? 0.746   19.183  -0.009  1.00 17.05 ? 12 DG  A C5    1 
ATOM   239 C  C6    . DG  A 1 12 ? -0.695  19.130  -0.105  1.00 11.49 ? 12 DG  A C6    1 
ATOM   240 O  O6    . DG  A 1 12 ? -1.536  19.183  0.787   1.00 12.02 ? 12 DG  A O6    1 
ATOM   241 N  N1    . DG  A 1 12 ? -1.118  19.005  -1.424  1.00 7.45  ? 12 DG  A N1    1 
ATOM   242 C  C2    . DG  A 1 12 ? -0.287  18.933  -2.511  1.00 12.52 ? 12 DG  A C2    1 
ATOM   243 N  N2    . DG  A 1 12 ? -0.886  18.816  -3.702  1.00 23.64 ? 12 DG  A N2    1 
ATOM   244 N  N3    . DG  A 1 12 ? 1.035   18.975  -2.443  1.00 17.87 ? 12 DG  A N3    1 
ATOM   245 C  C4    . DG  A 1 12 ? 1.480   19.104  -1.174  1.00 18.38 ? 12 DG  A C4    1 
ATOM   246 O  "O5'" . DC  B 1 1  ? -9.466  18.936  -2.953  1.00 43.42 ? 13 DC  B "O5'" 1 
ATOM   247 C  "C5'" . DC  B 1 1  ? -9.460  20.087  -3.814  1.00 37.41 ? 13 DC  B "C5'" 1 
ATOM   248 C  "C4'" . DC  B 1 1  ? -8.425  19.902  -4.896  1.00 36.89 ? 13 DC  B "C4'" 1 
ATOM   249 O  "O4'" . DC  B 1 1  ? -7.114  20.017  -4.300  1.00 37.10 ? 13 DC  B "O4'" 1 
ATOM   250 C  "C3'" . DC  B 1 1  ? -8.444  18.522  -5.544  1.00 40.08 ? 13 DC  B "C3'" 1 
ATOM   251 O  "O3'" . DC  B 1 1  ? -7.939  18.597  -6.879  1.00 42.04 ? 13 DC  B "O3'" 1 
ATOM   252 C  "C2'" . DC  B 1 1  ? -7.500  17.717  -4.670  1.00 36.09 ? 13 DC  B "C2'" 1 
ATOM   253 C  "C1'" . DC  B 1 1  ? -6.448  18.751  -4.309  1.00 37.06 ? 13 DC  B "C1'" 1 
ATOM   254 N  N1    . DC  B 1 1  ? -5.858  18.560  -2.978  1.00 33.74 ? 13 DC  B N1    1 
ATOM   255 C  C2    . DC  B 1 1  ? -4.468  18.489  -2.850  1.00 28.05 ? 13 DC  B C2    1 
ATOM   256 O  O2    . DC  B 1 1  ? -3.767  18.571  -3.860  1.00 23.20 ? 13 DC  B O2    1 
ATOM   257 N  N3    . DC  B 1 1  ? -3.926  18.329  -1.622  1.00 33.78 ? 13 DC  B N3    1 
ATOM   258 C  C4    . DC  B 1 1  ? -4.721  18.240  -0.553  1.00 36.69 ? 13 DC  B C4    1 
ATOM   259 N  N4    . DC  B 1 1  ? -4.154  18.096  0.644   1.00 36.51 ? 13 DC  B N4    1 
ATOM   260 C  C5    . DC  B 1 1  ? -6.139  18.301  -0.660  1.00 39.42 ? 13 DC  B C5    1 
ATOM   261 C  C6    . DC  B 1 1  ? -6.660  18.459  -1.879  1.00 35.76 ? 13 DC  B C6    1 
ATOM   262 P  P     . DG  B 1 2  ? -8.016  17.301  -7.822  1.00 45.09 ? 14 DG  B P     1 
ATOM   263 O  OP1   . DG  B 1 2  ? -8.356  17.764  -9.196  1.00 44.70 ? 14 DG  B OP1   1 
ATOM   264 O  OP2   . DG  B 1 2  ? -8.899  16.325  -7.140  1.00 44.06 ? 14 DG  B OP2   1 
ATOM   265 O  "O5'" . DG  B 1 2  ? -6.527  16.732  -7.814  1.00 41.08 ? 14 DG  B "O5'" 1 
ATOM   266 C  "C5'" . DG  B 1 2  ? -5.463  17.437  -8.461  1.00 41.86 ? 14 DG  B "C5'" 1 
ATOM   267 C  "C4'" . DG  B 1 2  ? -4.194  16.614  -8.435  1.00 39.78 ? 14 DG  B "C4'" 1 
ATOM   268 O  "O4'" . DG  B 1 2  ? -3.614  16.618  -7.109  1.00 40.58 ? 14 DG  B "O4'" 1 
ATOM   269 C  "C3'" . DG  B 1 2  ? -4.396  15.148  -8.813  1.00 38.23 ? 14 DG  B "C3'" 1 
ATOM   270 O  "O3'" . DG  B 1 2  ? -3.445  14.720  -9.781  1.00 34.76 ? 14 DG  B "O3'" 1 
ATOM   271 C  "C2'" . DG  B 1 2  ? -4.203  14.383  -7.516  1.00 37.45 ? 14 DG  B "C2'" 1 
ATOM   272 C  "C1'" . DG  B 1 2  ? -3.329  15.291  -6.682  1.00 35.64 ? 14 DG  B "C1'" 1 
ATOM   273 N  N9    . DG  B 1 2  ? -3.659  15.211  -5.264  1.00 30.95 ? 14 DG  B N9    1 
ATOM   274 C  C8    . DG  B 1 2  ? -4.914  15.067  -4.734  1.00 26.69 ? 14 DG  B C8    1 
ATOM   275 N  N7    . DG  B 1 2  ? -4.914  15.029  -3.433  1.00 32.51 ? 14 DG  B N7    1 
ATOM   276 C  C5    . DG  B 1 2  ? -3.577  15.152  -3.081  1.00 24.83 ? 14 DG  B C5    1 
ATOM   277 C  C6    . DG  B 1 2  ? -2.972  15.172  -1.810  1.00 23.59 ? 14 DG  B C6    1 
ATOM   278 O  O6    . DG  B 1 2  ? -3.512  15.092  -0.699  1.00 21.33 ? 14 DG  B O6    1 
ATOM   279 N  N1    . DG  B 1 2  ? -1.595  15.307  -1.900  1.00 22.14 ? 14 DG  B N1    1 
ATOM   280 C  C2    . DG  B 1 2  ? -0.890  15.415  -3.069  1.00 23.91 ? 14 DG  B C2    1 
ATOM   281 N  N2    . DG  B 1 2  ? 0.447   15.540  -2.942  1.00 17.95 ? 14 DG  B N2    1 
ATOM   282 N  N3    . DG  B 1 2  ? -1.447  15.401  -4.270  1.00 23.58 ? 14 DG  B N3    1 
ATOM   283 C  C4    . DG  B 1 2  ? -2.787  15.265  -4.197  1.00 25.77 ? 14 DG  B C4    1 
ATOM   284 P  P     . DC  B 1 3  ? -3.393  13.169  -10.184 1.00 34.74 ? 15 DC  B P     1 
ATOM   285 O  OP1   . DC  B 1 3  ? -3.233  13.084  -11.660 1.00 36.88 ? 15 DC  B OP1   1 
ATOM   286 O  OP2   . DC  B 1 3  ? -4.552  12.511  -9.533  1.00 34.36 ? 15 DC  B OP2   1 
ATOM   287 O  "O5'" . DC  B 1 3  ? -2.068  12.652  -9.472  1.00 28.88 ? 15 DC  B "O5'" 1 
ATOM   288 C  "C5'" . DC  B 1 3  ? -0.872  13.432  -9.519  1.00 25.90 ? 15 DC  B "C5'" 1 
ATOM   289 C  "C4'" . DC  B 1 3  ? -0.071  13.243  -8.252  1.00 21.18 ? 15 DC  B "C4'" 1 
ATOM   290 O  "O4'" . DC  B 1 3  ? -0.914  13.452  -7.104  1.00 19.95 ? 15 DC  B "O4'" 1 
ATOM   291 C  "C3'" . DC  B 1 3  ? 0.459   11.830  -8.051  1.00 20.66 ? 15 DC  B "C3'" 1 
ATOM   292 O  "O3'" . DC  B 1 3  ? 1.684   11.646  -8.742  1.00 22.76 ? 15 DC  B "O3'" 1 
ATOM   293 C  "C2'" . DC  B 1 3  ? 0.667   11.748  -6.552  1.00 22.13 ? 15 DC  B "C2'" 1 
ATOM   294 C  "C1'" . DC  B 1 3  ? -0.297  12.796  -5.999  1.00 18.28 ? 15 DC  B "C1'" 1 
ATOM   295 N  N1    . DC  B 1 3  ? -1.348  12.260  -5.132  1.00 16.91 ? 15 DC  B N1    1 
ATOM   296 C  C2    . DC  B 1 3  ? -1.077  12.151  -3.786  1.00 14.04 ? 15 DC  B C2    1 
ATOM   297 O  O2    . DC  B 1 3  ? 0.046   12.477  -3.393  1.00 20.45 ? 15 DC  B O2    1 
ATOM   298 N  N3    . DC  B 1 3  ? -2.029  11.692  -2.949  1.00 11.53 ? 15 DC  B N3    1 
ATOM   299 C  C4    . DC  B 1 3  ? -3.223  11.346  -3.432  1.00 13.68 ? 15 DC  B C4    1 
ATOM   300 N  N4    . DC  B 1 3  ? -4.138  10.902  -2.577  1.00 14.82 ? 15 DC  B N4    1 
ATOM   301 C  C5    . DC  B 1 3  ? -3.528  11.441  -4.816  1.00 10.74 ? 15 DC  B C5    1 
ATOM   302 C  C6    . DC  B 1 3  ? -2.569  11.893  -5.625  1.00 15.28 ? 15 DC  B C6    1 
ATOM   303 P  P     . DG  B 1 4  ? 2.087   10.181  -9.229  1.00 23.86 ? 16 DG  B P     1 
ATOM   304 O  OP1   . DG  B 1 4  ? 2.744   10.277  -10.558 1.00 23.96 ? 16 DG  B OP1   1 
ATOM   305 O  OP2   . DG  B 1 4  ? 0.881   9.343   -9.064  1.00 22.26 ? 16 DG  B OP2   1 
ATOM   306 O  "O5'" . DG  B 1 4  ? 3.179   9.716   -8.171  1.00 26.59 ? 16 DG  B "O5'" 1 
ATOM   307 C  "C5'" . DG  B 1 4  ? 4.196   10.608  -7.719  1.00 22.37 ? 16 DG  B "C5'" 1 
ATOM   308 C  "C4'" . DG  B 1 4  ? 4.551   10.291  -6.285  1.00 17.14 ? 16 DG  B "C4'" 1 
ATOM   309 O  "O4'" . DG  B 1 4  ? 3.337   10.382  -5.504  1.00 15.27 ? 16 DG  B "O4'" 1 
ATOM   310 C  "C3'" . DG  B 1 4  ? 5.103   8.880   -6.071  1.00 20.21 ? 16 DG  B "C3'" 1 
ATOM   311 O  "O3'" . DG  B 1 4  ? 6.324   8.936   -5.315  1.00 31.27 ? 16 DG  B "O3'" 1 
ATOM   312 C  "C2'" . DG  B 1 4  ? 3.998   8.150   -5.323  1.00 17.46 ? 16 DG  B "C2'" 1 
ATOM   313 C  "C1'" . DG  B 1 4  ? 3.244   9.270   -4.641  1.00 15.72 ? 16 DG  B "C1'" 1 
ATOM   314 N  N9    . DG  B 1 4  ? 1.831   9.002   -4.386  1.00 14.80 ? 16 DG  B N9    1 
ATOM   315 C  C8    . DG  B 1 4  ? 0.848   8.652   -5.291  1.00 14.31 ? 16 DG  B C8    1 
ATOM   316 N  N7    . DG  B 1 4  ? -0.324  8.480   -4.730  1.00 13.50 ? 16 DG  B N7    1 
ATOM   317 C  C5    . DG  B 1 4  ? -0.098  8.729   -3.379  1.00 13.80 ? 16 DG  B C5    1 
ATOM   318 C  C6    . DG  B 1 4  ? -0.989  8.716   -2.271  1.00 13.33 ? 16 DG  B C6    1 
ATOM   319 O  O6    . DG  B 1 4  ? -2.192  8.455   -2.246  1.00 11.76 ? 16 DG  B O6    1 
ATOM   320 N  N1    . DG  B 1 4  ? -0.337  9.059   -1.090  1.00 15.97 ? 16 DG  B N1    1 
ATOM   321 C  C2    . DG  B 1 4  ? 0.998   9.366   -0.981  1.00 12.36 ? 16 DG  B C2    1 
ATOM   322 N  N2    . DG  B 1 4  ? 1.441   9.670   0.252   1.00 15.77 ? 16 DG  B N2    1 
ATOM   323 N  N3    . DG  B 1 4  ? 1.834   9.372   -1.993  1.00 14.16 ? 16 DG  B N3    1 
ATOM   324 C  C4    . DG  B 1 4  ? 1.225   9.052   -3.155  1.00 15.55 ? 16 DG  B C4    1 
HETATM 325 O  O3P   . A47 B 1 5  ? 8.302   7.740   -4.353  1.00 30.17 ? 17 A47 B O3P   1 
HETATM 326 P  P     . A47 B 1 5  ? 6.833   7.634   -4.507  1.00 26.58 ? 17 A47 B P     1 
HETATM 327 O  O2P   . A47 B 1 5  ? 6.254   6.416   -5.147  1.00 30.65 ? 17 A47 B O2P   1 
HETATM 328 O  "O5'" . A47 B 1 5  ? 6.158   7.827   -3.084  1.00 25.91 ? 17 A47 B "O5'" 1 
HETATM 329 C  "C5'" . A47 B 1 5  ? 6.343   9.023   -2.334  1.00 25.43 ? 17 A47 B "C5'" 1 
HETATM 330 C  "C4'" . A47 B 1 5  ? 6.121   8.737   -0.867  1.00 30.27 ? 17 A47 B "C4'" 1 
HETATM 331 O  "O4'" . A47 B 1 5  ? 4.720   8.465   -0.607  1.00 35.02 ? 17 A47 B "O4'" 1 
HETATM 332 C  "C3'" . A47 B 1 5  ? 6.864   7.498   -0.381  1.00 31.80 ? 17 A47 B "C3'" 1 
HETATM 333 O  "O3'" . A47 B 1 5  ? 7.194   7.637   1.000   1.00 35.14 ? 17 A47 B "O3'" 1 
HETATM 334 C  "C2'" . A47 B 1 5  ? 5.839   6.395   -0.567  1.00 32.47 ? 17 A47 B "C2'" 1 
HETATM 335 C  "C1'" . A47 B 1 5  ? 4.536   7.105   -0.224  1.00 28.30 ? 17 A47 B "C1'" 1 
HETATM 336 N  N9    . A47 B 1 5  ? 3.390   6.578   -0.965  1.00 22.91 ? 17 A47 B N9    1 
HETATM 337 C  C8    . A47 B 1 5  ? 3.377   6.189   -2.285  1.00 16.76 ? 17 A47 B C8    1 
HETATM 338 N  N7    . A47 B 1 5  ? 2.218   5.738   -2.691  1.00 15.14 ? 17 A47 B N7    1 
HETATM 339 C  C5    . A47 B 1 5  ? 1.406   5.838   -1.570  1.00 13.52 ? 17 A47 B C5    1 
HETATM 340 C  C6    . A47 B 1 5  ? 0.059   5.520   -1.358  1.00 15.83 ? 17 A47 B C6    1 
HETATM 341 N  N6    . A47 B 1 5  ? -0.778  4.997   -2.364  1.00 22.41 ? 17 A47 B N6    1 
HETATM 342 N  N1    . A47 B 1 5  ? -0.456  5.738   -0.125  1.00 14.41 ? 17 A47 B N1    1 
HETATM 343 C  C2    . A47 B 1 5  ? 0.354   6.250   0.827   1.00 14.30 ? 17 A47 B C2    1 
HETATM 344 N  N3    . A47 B 1 5  ? 1.641   6.590   0.745   1.00 10.46 ? 17 A47 B N3    1 
HETATM 345 C  C4    . A47 B 1 5  ? 2.114   6.357   -0.494  1.00 16.59 ? 17 A47 B C4    1 
HETATM 346 O  O1    . A47 B 1 5  ? -0.093  4.819   -3.623  1.00 24.43 ? 17 A47 B O1    1 
HETATM 347 C  C1    . A47 B 1 5  ? -0.911  5.173   -4.654  1.00 23.41 ? 17 A47 B C1    1 
ATOM   348 P  P     . DA  B 1 6  ? 8.122   6.530   1.708   1.00 30.47 ? 18 DA  B P     1 
ATOM   349 O  OP1   . DA  B 1 6  ? 9.217   7.244   2.416   1.00 36.26 ? 18 DA  B OP1   1 
ATOM   350 O  OP2   . DA  B 1 6  ? 8.450   5.472   0.719   1.00 31.60 ? 18 DA  B OP2   1 
ATOM   351 O  "O5'" . DA  B 1 6  ? 7.144   5.887   2.775   1.00 30.56 ? 18 DA  B "O5'" 1 
ATOM   352 C  "C5'" . DA  B 1 6  ? 6.234   6.688   3.511   1.00 26.89 ? 18 DA  B "C5'" 1 
ATOM   353 C  "C4'" . DA  B 1 6  ? 5.058   5.846   3.932   1.00 26.87 ? 18 DA  B "C4'" 1 
ATOM   354 O  "O4'" . DA  B 1 6  ? 4.298   5.481   2.760   1.00 24.85 ? 18 DA  B "O4'" 1 
ATOM   355 C  "C3'" . DA  B 1 6  ? 5.442   4.523   4.614   1.00 28.91 ? 18 DA  B "C3'" 1 
ATOM   356 O  "O3'" . DA  B 1 6  ? 5.060   4.602   5.992   1.00 32.98 ? 18 DA  B "O3'" 1 
ATOM   357 C  "C2'" . DA  B 1 6  ? 4.655   3.448   3.860   1.00 26.66 ? 18 DA  B "C2'" 1 
ATOM   358 C  "C1'" . DA  B 1 6  ? 3.648   4.256   3.044   1.00 25.84 ? 18 DA  B "C1'" 1 
ATOM   359 N  N9    . DA  B 1 6  ? 3.200   3.679   1.773   1.00 17.89 ? 18 DA  B N9    1 
ATOM   360 C  C8    . DA  B 1 6  ? 3.923   3.436   0.630   1.00 15.86 ? 18 DA  B C8    1 
ATOM   361 N  N7    . DA  B 1 6  ? 3.208   2.937   -0.349  1.00 14.15 ? 18 DA  B N7    1 
ATOM   362 C  C5    . DA  B 1 6  ? 1.933   2.836   0.187   1.00 10.61 ? 18 DA  B C5    1 
ATOM   363 C  C6    . DA  B 1 6  ? 0.728   2.369   -0.341  1.00 12.83 ? 18 DA  B C6    1 
ATOM   364 N  N6    . DA  B 1 6  ? 0.611   1.901   -1.574  1.00 11.70 ? 18 DA  B N6    1 
ATOM   365 N  N1    . DA  B 1 6  ? -0.365  2.400   0.448   1.00 12.64 ? 18 DA  B N1    1 
ATOM   366 C  C2    . DA  B 1 6  ? -0.237  2.875   1.696   1.00 17.71 ? 18 DA  B C2    1 
ATOM   367 N  N3    . DA  B 1 6  ? 0.847   3.340   2.312   1.00 14.23 ? 18 DA  B N3    1 
ATOM   368 C  C4    . DA  B 1 6  ? 1.912   3.288   1.492   1.00 15.35 ? 18 DA  B C4    1 
ATOM   369 P  P     . DT  B 1 7  ? 5.332   3.365   6.980   1.00 28.67 ? 19 DT  B P     1 
ATOM   370 O  OP1   . DT  B 1 7  ? 5.410   3.952   8.340   1.00 31.67 ? 19 DT  B OP1   1 
ATOM   371 O  OP2   . DT  B 1 7  ? 6.468   2.564   6.448   1.00 28.56 ? 19 DT  B OP2   1 
ATOM   372 O  "O5'" . DT  B 1 7  ? 3.989   2.519   6.896   1.00 25.95 ? 19 DT  B "O5'" 1 
ATOM   373 C  "C5'" . DT  B 1 7  ? 2.734   3.141   7.157   1.00 25.68 ? 19 DT  B "C5'" 1 
ATOM   374 C  "C4'" . DT  B 1 7  ? 1.601   2.213   6.789   1.00 28.36 ? 19 DT  B "C4'" 1 
ATOM   375 O  "O4'" . DT  B 1 7  ? 1.606   1.982   5.363   1.00 29.20 ? 19 DT  B "O4'" 1 
ATOM   376 C  "C3'" . DT  B 1 7  ? 1.639   0.826   7.444   1.00 24.86 ? 19 DT  B "C3'" 1 
ATOM   377 O  "O3'" . DT  B 1 7  ? 0.466   0.643   8.239   1.00 26.24 ? 19 DT  B "O3'" 1 
ATOM   378 C  "C2'" . DT  B 1 7  ? 1.648   -0.153  6.276   1.00 25.62 ? 19 DT  B "C2'" 1 
ATOM   379 C  "C1'" . DT  B 1 7  ? 1.086   0.683   5.151   1.00 23.95 ? 19 DT  B "C1'" 1 
ATOM   380 N  N1    . DT  B 1 7  ? 1.439   0.281   3.780   1.00 17.28 ? 19 DT  B N1    1 
ATOM   381 C  C2    . DT  B 1 7  ? 0.405   -0.106  2.964   1.00 8.62  ? 19 DT  B C2    1 
ATOM   382 O  O2    . DT  B 1 7  ? -0.750  -0.170  3.353   1.00 12.03 ? 19 DT  B O2    1 
ATOM   383 N  N3    . DT  B 1 7  ? 0.774   -0.417  1.683   1.00 7.49  ? 19 DT  B N3    1 
ATOM   384 C  C4    . DT  B 1 7  ? 2.051   -0.401  1.157   1.00 9.53  ? 19 DT  B C4    1 
ATOM   385 O  O4    . DT  B 1 7  ? 2.239   -0.728  -0.011  1.00 15.65 ? 19 DT  B O4    1 
ATOM   386 C  C5    . DT  B 1 7  ? 3.093   0.006   2.074   1.00 9.83  ? 19 DT  B C5    1 
ATOM   387 C  C7    . DT  B 1 7  ? 4.502   0.066   1.582   1.00 10.58 ? 19 DT  B C7    1 
ATOM   388 C  C6    . DT  B 1 7  ? 2.740   0.318   3.326   1.00 13.74 ? 19 DT  B C6    1 
ATOM   389 P  P     . DT  B 1 8  ? 0.401   -0.568  9.291   1.00 24.16 ? 20 DT  B P     1 
ATOM   390 O  OP1   . DT  B 1 8  ? -0.112  -0.039  10.586  1.00 26.74 ? 20 DT  B OP1   1 
ATOM   391 O  OP2   . DT  B 1 8  ? 1.708   -1.258  9.241   1.00 20.77 ? 20 DT  B OP2   1 
ATOM   392 O  "O5'" . DT  B 1 8  ? -0.716  -1.529  8.694   1.00 24.26 ? 20 DT  B "O5'" 1 
ATOM   393 C  "C5'" . DT  B 1 8  ? -1.995  -1.011  8.341   1.00 16.21 ? 20 DT  B "C5'" 1 
ATOM   394 C  "C4'" . DT  B 1 8  ? -2.638  -1.890  7.300   1.00 14.45 ? 20 DT  B "C4'" 1 
ATOM   395 O  "O4'" . DT  B 1 8  ? -1.832  -1.883  6.102   1.00 11.23 ? 20 DT  B "O4'" 1 
ATOM   396 C  "C3'" . DT  B 1 8  ? -2.766  -3.355  7.717   1.00 13.90 ? 20 DT  B "C3'" 1 
ATOM   397 O  "O3'" . DT  B 1 8  ? -4.119  -3.744  7.552   1.00 21.98 ? 20 DT  B "O3'" 1 
ATOM   398 C  "C2'" . DT  B 1 8  ? -1.861  -4.099  6.751   1.00 13.14 ? 20 DT  B "C2'" 1 
ATOM   399 C  "C1'" . DT  B 1 8  ? -1.857  -3.176  5.558   1.00 13.23 ? 20 DT  B "C1'" 1 
ATOM   400 N  N1    . DT  B 1 8  ? -0.726  -3.303  4.632   1.00 15.84 ? 20 DT  B N1    1 
ATOM   401 C  C2    . DT  B 1 8  ? -1.009  -3.751  3.364   1.00 20.75 ? 20 DT  B C2    1 
ATOM   402 O  O2    . DT  B 1 8  ? -2.138  -4.042  3.007   1.00 20.52 ? 20 DT  B O2    1 
ATOM   403 N  N3    . DT  B 1 8  ? 0.085   -3.840  2.525   1.00 19.78 ? 20 DT  B N3    1 
ATOM   404 C  C4    . DT  B 1 8  ? 1.402   -3.530  2.838   1.00 20.52 ? 20 DT  B C4    1 
ATOM   405 O  O4    . DT  B 1 8  ? 2.288   -3.653  1.989   1.00 16.56 ? 20 DT  B O4    1 
ATOM   406 C  C5    . DT  B 1 8  ? 1.620   -3.070  4.190   1.00 17.59 ? 20 DT  B C5    1 
ATOM   407 C  C7    . DT  B 1 8  ? 3.009   -2.719  4.613   1.00 16.79 ? 20 DT  B C7    1 
ATOM   408 C  C6    . DT  B 1 8  ? 0.562   -2.980  5.009   1.00 18.57 ? 20 DT  B C6    1 
ATOM   409 P  P     . DC  B 1 9  ? -4.568  -5.242  7.908   1.00 30.12 ? 21 DC  B P     1 
ATOM   410 O  OP1   . DC  B 1 9  ? -6.045  -5.268  7.794   1.00 29.21 ? 21 DC  B OP1   1 
ATOM   411 O  OP2   . DC  B 1 9  ? -3.907  -5.680  9.166   1.00 31.97 ? 21 DC  B OP2   1 
ATOM   412 O  "O5'" . DC  B 1 9  ? -4.000  -6.118  6.713   1.00 27.46 ? 21 DC  B "O5'" 1 
ATOM   413 C  "C5'" . DC  B 1 9  ? -3.921  -5.570  5.410   1.00 28.28 ? 21 DC  B "C5'" 1 
ATOM   414 C  "C4'" . DC  B 1 9  ? -4.843  -6.310  4.474   1.00 21.59 ? 21 DC  B "C4'" 1 
ATOM   415 O  "O4'" . DC  B 1 9  ? -4.106  -6.460  3.253   1.00 22.37 ? 21 DC  B "O4'" 1 
ATOM   416 C  "C3'" . DC  B 1 9  ? -5.175  -7.732  4.907   1.00 24.22 ? 21 DC  B "C3'" 1 
ATOM   417 O  "O3'" . DC  B 1 9  ? -6.362  -8.196  4.251   1.00 24.65 ? 21 DC  B "O3'" 1 
ATOM   418 C  "C2'" . DC  B 1 9  ? -3.952  -8.501  4.450   1.00 24.08 ? 21 DC  B "C2'" 1 
ATOM   419 C  "C1'" . DC  B 1 9  ? -3.496  -7.740  3.209   1.00 21.22 ? 21 DC  B "C1'" 1 
ATOM   420 N  N1    . DC  B 1 9  ? -2.043  -7.545  3.091   1.00 19.77 ? 21 DC  B N1    1 
ATOM   421 C  C2    . DC  B 1 9  ? -1.441  -7.759  1.851   1.00 23.68 ? 21 DC  B C2    1 
ATOM   422 O  O2    . DC  B 1 9  ? -2.151  -8.112  0.891   1.00 30.41 ? 21 DC  B O2    1 
ATOM   423 N  N3    . DC  B 1 9  ? -0.109  -7.576  1.720   1.00 20.89 ? 21 DC  B N3    1 
ATOM   424 C  C4    . DC  B 1 9  ? 0.614   -7.201  2.771   1.00 15.81 ? 21 DC  B C4    1 
ATOM   425 N  N4    . DC  B 1 9  ? 1.923   -7.038  2.588   1.00 19.52 ? 21 DC  B N4    1 
ATOM   426 C  C5    . DC  B 1 9  ? 0.030   -6.975  4.050   1.00 13.09 ? 21 DC  B C5    1 
ATOM   427 C  C6    . DC  B 1 9  ? -1.290  -7.159  4.165   1.00 18.04 ? 21 DC  B C6    1 
ATOM   428 P  P     . DG  B 1 10 ? -7.030  -9.594  4.695   1.00 28.79 ? 22 DG  B P     1 
ATOM   429 O  OP1   . DG  B 1 10 ? -8.444  -9.491  4.293   1.00 23.78 ? 22 DG  B OP1   1 
ATOM   430 O  OP2   . DG  B 1 10 ? -6.694  -9.931  6.105   1.00 29.81 ? 22 DG  B OP2   1 
ATOM   431 O  "O5'" . DG  B 1 10 ? -6.306  -10.666 3.773   1.00 29.64 ? 22 DG  B "O5'" 1 
ATOM   432 C  "C5'" . DG  B 1 10 ? -6.820  -10.961 2.473   1.00 36.56 ? 22 DG  B "C5'" 1 
ATOM   433 C  "C4'" . DG  B 1 10 ? -5.989  -12.031 1.805   1.00 30.88 ? 22 DG  B "C4'" 1 
ATOM   434 O  "O4'" . DG  B 1 10 ? -4.642  -11.534 1.652   1.00 29.07 ? 22 DG  B "O4'" 1 
ATOM   435 C  "C3'" . DG  B 1 10 ? -5.859  -13.364 2.554   1.00 28.09 ? 22 DG  B "C3'" 1 
ATOM   436 O  "O3'" . DG  B 1 10 ? -5.764  -14.407 1.584   1.00 31.10 ? 22 DG  B "O3'" 1 
ATOM   437 C  "C2'" . DG  B 1 10 ? -4.505  -13.240 3.216   1.00 25.54 ? 22 DG  B "C2'" 1 
ATOM   438 C  "C1'" . DG  B 1 10 ? -3.747  -12.524 2.120   1.00 21.26 ? 22 DG  B "C1'" 1 
ATOM   439 N  N9    . DG  B 1 10 ? -2.541  -11.855 2.573   1.00 18.32 ? 22 DG  B N9    1 
ATOM   440 C  C8    . DG  B 1 10 ? -2.295  -11.352 3.827   1.00 18.03 ? 22 DG  B C8    1 
ATOM   441 N  N7    . DG  B 1 10 ? -1.109  -10.828 3.941   1.00 17.87 ? 22 DG  B N7    1 
ATOM   442 C  C5    . DG  B 1 10 ? -0.541  -10.987 2.685   1.00 16.30 ? 22 DG  B C5    1 
ATOM   443 C  C6    . DG  B 1 10 ? 0.721   -10.625 2.222   1.00 21.75 ? 22 DG  B C6    1 
ATOM   444 O  O6    . DG  B 1 10 ? 1.631   -10.064 2.842   1.00 27.30 ? 22 DG  B O6    1 
ATOM   445 N  N1    . DG  B 1 10 ? 0.901   -10.979 0.886   1.00 21.04 ? 22 DG  B N1    1 
ATOM   446 C  C2    . DG  B 1 10 ? -0.032  -11.606 0.101   1.00 15.14 ? 22 DG  B C2    1 
ATOM   447 N  N2    . DG  B 1 10 ? 0.344   -11.862 -1.151  1.00 11.03 ? 22 DG  B N2    1 
ATOM   448 N  N3    . DG  B 1 10 ? -1.233  -11.952 0.529   1.00 12.73 ? 22 DG  B N3    1 
ATOM   449 C  C4    . DG  B 1 10 ? -1.415  -11.615 1.828   1.00 16.18 ? 22 DG  B C4    1 
ATOM   450 P  P     . DC  B 1 11 ? -6.153  -15.921 1.969   1.00 30.03 ? 23 DC  B P     1 
ATOM   451 O  OP1   . DC  B 1 11 ? -7.635  -15.983 2.091   1.00 29.87 ? 23 DC  B OP1   1 
ATOM   452 O  OP2   . DC  B 1 11 ? -5.306  -16.396 3.095   1.00 29.76 ? 23 DC  B OP2   1 
ATOM   453 O  "O5'" . DC  B 1 11 ? -5.705  -16.718 0.663   1.00 30.76 ? 23 DC  B "O5'" 1 
ATOM   454 C  "C5'" . DC  B 1 11 ? -5.943  -16.172 -0.635  1.00 27.67 ? 23 DC  B "C5'" 1 
ATOM   455 C  "C4'" . DC  B 1 11 ? -4.681  -16.212 -1.468  1.00 32.11 ? 23 DC  B "C4'" 1 
ATOM   456 O  "O4'" . DC  B 1 11 ? -3.792  -15.137 -1.094  1.00 33.71 ? 23 DC  B "O4'" 1 
ATOM   457 C  "C3'" . DC  B 1 11 ? -3.844  -17.480 -1.344  1.00 34.24 ? 23 DC  B "C3'" 1 
ATOM   458 O  "O3'" . DC  B 1 11 ? -4.312  -18.447 -2.287  1.00 36.34 ? 23 DC  B "O3'" 1 
ATOM   459 C  "C2'" . DC  B 1 11 ? -2.447  -17.003 -1.713  1.00 29.71 ? 23 DC  B "C2'" 1 
ATOM   460 C  "C1'" . DC  B 1 11 ? -2.428  -15.555 -1.230  1.00 29.95 ? 23 DC  B "C1'" 1 
ATOM   461 N  N1    . DC  B 1 11 ? -1.754  -15.311 0.063   1.00 23.83 ? 23 DC  B N1    1 
ATOM   462 C  C2    . DC  B 1 11 ? -0.365  -15.182 0.097   1.00 23.13 ? 23 DC  B C2    1 
ATOM   463 O  O2    . DC  B 1 11 ? 0.280   -15.294 -0.959  1.00 22.29 ? 23 DC  B O2    1 
ATOM   464 N  N3    . DC  B 1 11 ? 0.245   -14.936 1.281   1.00 23.60 ? 23 DC  B N3    1 
ATOM   465 C  C4    . DC  B 1 11 ? -0.478  -14.823 2.396   1.00 22.53 ? 23 DC  B C4    1 
ATOM   466 N  N4    . DC  B 1 11 ? 0.174   -14.580 3.549   1.00 25.41 ? 23 DC  B N4    1 
ATOM   467 C  C5    . DC  B 1 11 ? -1.895  -14.953 2.389   1.00 21.11 ? 23 DC  B C5    1 
ATOM   468 C  C6    . DC  B 1 11 ? -2.484  -15.197 1.215   1.00 25.56 ? 23 DC  B C6    1 
ATOM   469 P  P     . DG  B 1 12 ? -3.720  -19.937 -2.263  1.00 38.77 ? 24 DG  B P     1 
ATOM   470 O  OP1   . DG  B 1 12 ? -4.458  -20.716 -3.297  1.00 41.22 ? 24 DG  B OP1   1 
ATOM   471 O  OP2   . DG  B 1 12 ? -3.698  -20.401 -0.855  1.00 39.31 ? 24 DG  B OP2   1 
ATOM   472 O  "O5'" . DG  B 1 12 ? -2.212  -19.783 -2.742  1.00 36.80 ? 24 DG  B "O5'" 1 
ATOM   473 C  "C5'" . DG  B 1 12 ? -1.908  -19.335 -4.058  1.00 35.71 ? 24 DG  B "C5'" 1 
ATOM   474 C  "C4'" . DG  B 1 12 ? -0.415  -19.385 -4.288  1.00 37.23 ? 24 DG  B "C4'" 1 
ATOM   475 O  "O4'" . DG  B 1 12 ? 0.211   -18.569 -3.267  1.00 31.27 ? 24 DG  B "O4'" 1 
ATOM   476 C  "C3'" . DG  B 1 12 ? 0.202   -20.780 -4.146  1.00 36.36 ? 24 DG  B "C3'" 1 
ATOM   477 O  "O3'" . DG  B 1 12 ? 1.451   -20.960 -4.819  1.00 40.68 ? 24 DG  B "O3'" 1 
ATOM   478 C  "C2'" . DG  B 1 12 ? 0.605   -20.810 -2.691  1.00 35.10 ? 24 DG  B "C2'" 1 
ATOM   479 C  "C1'" . DG  B 1 12 ? 1.046   -19.377 -2.451  1.00 31.24 ? 24 DG  B "C1'" 1 
ATOM   480 N  N9    . DG  B 1 12 ? 0.850   -18.965 -1.067  1.00 26.43 ? 24 DG  B N9    1 
ATOM   481 C  C8    . DG  B 1 12 ? -0.279  -19.164 -0.312  1.00 27.13 ? 24 DG  B C8    1 
ATOM   482 N  N7    . DG  B 1 12 ? -0.161  -18.717 0.905   1.00 26.86 ? 24 DG  B N7    1 
ATOM   483 C  C5    . DG  B 1 12 ? 1.121   -18.181 0.953   1.00 24.75 ? 24 DG  B C5    1 
ATOM   484 C  C6    . DG  B 1 12 ? 1.803   -17.550 2.011   1.00 17.16 ? 24 DG  B C6    1 
ATOM   485 O  O6    . DG  B 1 12 ? 1.396   -17.321 3.142   1.00 19.63 ? 24 DG  B O6    1 
ATOM   486 N  N1    . DG  B 1 12 ? 3.079   -17.163 1.648   1.00 15.80 ? 24 DG  B N1    1 
ATOM   487 C  C2    . DG  B 1 12 ? 3.634   -17.346 0.409   1.00 24.00 ? 24 DG  B C2    1 
ATOM   488 N  N2    . DG  B 1 12 ? 4.904   -16.890 0.242   1.00 22.01 ? 24 DG  B N2    1 
ATOM   489 N  N3    . DG  B 1 12 ? 3.001   -17.932 -0.600  1.00 27.72 ? 24 DG  B N3    1 
ATOM   490 C  C4    . DG  B 1 12 ? 1.757   -18.325 -0.254  1.00 25.12 ? 24 DG  B C4    1 
HETATM 491 MG MG    . MG  C 2 .  ? 3.760   -10.791 6.799   1.00 28.71 ? 25 MG  A MG    1 
HETATM 492 O  O     . HOH D 3 .  ? -2.056  2.555   6.165   1.00 21.51 ? 26 HOH A O     1 
HETATM 493 O  O     . HOH D 3 .  ? 11.561  -9.516  -6.972  1.00 37.78 ? 28 HOH A O     1 
HETATM 494 O  O     . HOH D 3 .  ? -4.900  -1.650  4.385   1.00 11.76 ? 29 HOH A O     1 
HETATM 495 O  O     . HOH D 3 .  ? 3.706   -4.341  -6.235  1.00 44.13 ? 31 HOH A O     1 
HETATM 496 O  O     . HOH D 3 .  ? -10.144 4.220   7.295   1.00 48.76 ? 32 HOH A O     1 
HETATM 497 O  O     . HOH D 3 .  ? 4.630   12.300  7.701   1.00 22.75 ? 34 HOH A O     1 
HETATM 498 O  O     . HOH D 3 .  ? -3.206  0.552   4.164   1.00 11.79 ? 38 HOH A O     1 
HETATM 499 O  O     . HOH D 3 .  ? -1.963  1.705   -5.045  1.00 17.11 ? 39 HOH A O     1 
HETATM 500 O  O     . HOH D 3 .  ? -2.525  -9.769  -4.647  1.00 29.53 ? 42 HOH A O     1 
HETATM 501 O  O     . HOH D 3 .  ? 5.316   18.087  6.026   1.00 29.79 ? 43 HOH A O     1 
HETATM 502 O  O     . HOH D 3 .  ? -5.024  0.735   7.484   1.00 25.75 ? 45 HOH A O     1 
HETATM 503 O  O     . HOH D 3 .  ? 7.977   -10.408 5.202   1.00 21.61 ? 47 HOH A O     1 
HETATM 504 O  O     . HOH D 3 .  ? 6.197   -7.170  3.187   1.00 31.14 ? 49 HOH A O     1 
HETATM 505 O  O     . HOH D 3 .  ? -4.512  -11.199 -13.366 1.00 50.16 ? 50 HOH A O     1 
HETATM 506 O  O     . HOH D 3 .  ? 7.751   -7.385  -4.036  1.00 33.52 ? 52 HOH A O     1 
HETATM 507 O  O     . HOH D 3 .  ? -6.460  13.653  2.440   1.00 62.94 ? 53 HOH A O     1 
HETATM 508 O  O     . HOH D 3 .  ? -8.002  10.484  2.425   1.00 33.70 ? 55 HOH A O     1 
HETATM 509 O  O     . HOH D 3 .  ? 8.461   -8.008  1.035   1.00 46.60 ? 57 HOH A O     1 
HETATM 510 O  O     . HOH D 3 .  ? -6.452  13.465  -0.800  1.00 31.57 ? 58 HOH A O     1 
HETATM 511 O  O     . HOH D 3 .  ? 0.606   4.979   10.138  1.00 66.18 ? 59 HOH A O     1 
HETATM 512 O  O     . HOH D 3 .  ? 3.036   -8.891  -12.214 1.00 43.05 ? 61 HOH A O     1 
HETATM 513 O  O     . HOH D 3 .  ? 1.719   6.229   5.598   1.00 72.20 ? 62 HOH A O     1 
HETATM 514 O  O     . HOH D 3 .  ? 9.522   -4.573  1.923   1.00 53.30 ? 63 HOH A O     1 
HETATM 515 O  O     . HOH D 3 .  ? 7.255   -18.029 5.875   1.00 24.53 ? 67 HOH A O     1 
HETATM 516 O  O     . HOH D 3 .  ? 3.889   -0.488  -4.488  1.00 54.41 ? 69 HOH A O     1 
HETATM 517 O  O     . HOH D 3 .  ? -0.506  4.367   4.781   1.00 27.25 ? 71 HOH A O     1 
HETATM 518 O  O     . HOH D 3 .  ? -5.906  4.828   -4.252  1.00 50.95 ? 72 HOH A O     1 
HETATM 519 O  O     . HOH D 3 .  ? -1.464  -13.966 10.771  1.00 50.06 ? 75 HOH A O     1 
HETATM 520 O  O     . HOH D 3 .  ? 1.176   -14.042 7.804   1.00 34.48 ? 76 HOH A O     1 
HETATM 521 O  O     . HOH D 3 .  ? -1.470  -12.190 -14.416 1.00 41.64 ? 77 HOH A O     1 
HETATM 522 O  O     . HOH D 3 .  ? -4.956  -4.357  -10.514 1.00 37.39 ? 78 HOH A O     1 
HETATM 523 O  O     . HOH D 3 .  ? 4.907   -9.126  -15.565 1.00 43.36 ? 81 HOH A O     1 
HETATM 524 O  O     . HOH D 3 .  ? 0.688   -1.388  -6.914  1.00 51.44 ? 84 HOH A O     1 
HETATM 525 O  O     . HOH D 3 .  ? -6.204  -9.307  -2.776  1.00 95.37 ? 85 HOH A O     1 
HETATM 526 O  O     . HOH D 3 .  ? 2.903   -12.309 5.724   1.00 30.61 ? 91 HOH A O     1 
HETATM 527 O  O     . HOH D 3 .  ? 5.413   -10.865 5.574   1.00 27.63 ? 94 HOH A O     1 
HETATM 528 O  O     . HOH E 3 .  ? -9.101  16.049  -1.438  1.00 38.54 ? 27 HOH B O     1 
HETATM 529 O  O     . HOH E 3 .  ? 5.759   -0.400  4.737   1.00 33.91 ? 30 HOH B O     1 
HETATM 530 O  O     . HOH E 3 .  ? 7.233   -8.091  7.184   1.00 28.59 ? 33 HOH B O     1 
HETATM 531 O  O     . HOH E 3 .  ? 6.999   -15.388 9.468   1.00 42.28 ? 35 HOH B O     1 
HETATM 532 O  O     . HOH E 3 .  ? -1.344  -7.173  8.532   1.00 28.37 ? 36 HOH B O     1 
HETATM 533 O  O     . HOH E 3 .  ? 5.220   6.260   -8.799  1.00 36.95 ? 37 HOH B O     1 
HETATM 534 O  O     . HOH E 3 .  ? 6.097   3.181   -4.955  1.00 30.83 ? 40 HOH B O     1 
HETATM 535 O  O     . HOH E 3 .  ? 2.884   4.512   -5.316  1.00 35.98 ? 41 HOH B O     1 
HETATM 536 O  O     . HOH E 3 .  ? -7.840  -19.024 -3.612  1.00 40.15 ? 44 HOH B O     1 
HETATM 537 O  O     . HOH E 3 .  ? 2.480   -12.337 11.717  1.00 27.45 ? 46 HOH B O     1 
HETATM 538 O  O     . HOH E 3 .  ? -3.588  -18.984 6.498   1.00 33.93 ? 48 HOH B O     1 
HETATM 539 O  O     . HOH E 3 .  ? -7.546  10.634  -10.878 1.00 58.19 ? 51 HOH B O     1 
HETATM 540 O  O     . HOH E 3 .  ? -8.780  -17.636 0.000   1.00 53.60 ? 54 HOH B O     1 
HETATM 541 O  O     . HOH E 3 .  ? 7.566   3.013   -0.242  1.00 38.33 ? 56 HOH B O     1 
HETATM 542 O  O     . HOH E 3 .  ? -6.726  9.817   -4.169  1.00 38.58 ? 60 HOH B O     1 
HETATM 543 O  O     . HOH E 3 .  ? -0.624  -18.510 4.099   1.00 41.58 ? 64 HOH B O     1 
HETATM 544 O  O     . HOH E 3 .  ? -2.989  12.128  -14.522 1.00 47.75 ? 65 HOH B O     1 
HETATM 545 O  O     . HOH E 3 .  ? -4.786  7.223   -8.648  1.00 71.03 ? 66 HOH B O     1 
HETATM 546 O  O     . HOH E 3 .  ? 7.807   1.813   3.845   1.00 26.22 ? 68 HOH B O     1 
HETATM 547 O  O     . HOH E 3 .  ? -3.731  7.709   -4.945  1.00 19.38 ? 70 HOH B O     1 
HETATM 548 O  O     . HOH E 3 .  ? -4.366  -22.167 0.738   1.00 30.81 ? 73 HOH B O     1 
HETATM 549 O  O     . HOH E 3 .  ? -1.478  3.390   13.646  1.00 41.26 ? 74 HOH B O     1 
HETATM 550 O  O     . HOH E 3 .  ? -4.628  -3.425  2.064   1.00 55.13 ? 79 HOH B O     1 
HETATM 551 O  O     . HOH E 3 .  ? -7.006  -18.483 -7.553  1.00 52.44 ? 80 HOH B O     1 
HETATM 552 O  O     . HOH E 3 .  ? -3.227  -11.143 -1.214  1.00 59.78 ? 82 HOH B O     1 
HETATM 553 O  O     . HOH E 3 .  ? -9.927  -13.244 4.438   1.00 79.93 ? 83 HOH B O     1 
HETATM 554 O  O     . HOH E 3 .  ? 3.870   -14.272 9.265   1.00 25.89 ? 86 HOH B O     1 
HETATM 555 O  O     . HOH E 3 .  ? -0.387  -10.556 7.094   1.00 30.41 ? 87 HOH B O     1 
HETATM 556 O  O     . HOH E 3 .  ? 0.691   7.614   -12.799 1.00 57.50 ? 88 HOH B O     1 
HETATM 557 O  O     . HOH E 3 .  ? 9.504   4.027   -2.161  1.00 31.84 ? 89 HOH B O     1 
HETATM 558 O  O     . HOH E 3 .  ? 0.590   -22.899 -9.383  1.00 80.19 ? 90 HOH B O     1 
HETATM 559 O  O     . HOH E 3 .  ? 4.528   -9.217  7.828   1.00 32.30 ? 92 HOH B O     1 
HETATM 560 O  O     . HOH E 3 .  ? 2.161   -10.815 8.055   1.00 32.73 ? 93 HOH B O     1 
HETATM 561 O  O     . HOH E 3 .  ? 4.705   -12.107 8.056   1.00 28.27 ? 95 HOH B O     1 
HETATM 562 O  O     . HOH E 3 .  ? 2.777   -9.488  5.540   1.00 28.65 ? 96 HOH B O     1 
# 
